data_5WZQ
#
_entry.id   5WZQ
#
_cell.length_a   62.885
_cell.length_b   127.837
_cell.length_c   176.364
_cell.angle_alpha   90.00
_cell.angle_beta   90.00
_cell.angle_gamma   90.00
#
_symmetry.space_group_name_H-M   'P 21 21 21'
#
loop_
_entity.id
_entity.type
_entity.pdbx_description
1 polymer Alpha-N-acetylgalactosaminidase
2 non-polymer 'ZINC ION'
3 non-polymer GLYCEROL
4 water water
#
_entity_poly.entity_id   1
_entity_poly.type   'polypeptide(L)'
_entity_poly.pdbx_seq_one_letter_code
;MMQFTMSGTMLRFDETTLRFSFSRDGATWSGCDGIEPQLTREDRSFSFAGAATVTHERIETGTGVGVRSVFAGFAGADYA
FETYIWIERSSGDVLCEWVPLRECGAEPRIDRVLWPAPLSFDRADAHDVTLITHEQGVMIPNSWPTEVGTDAVSFGGRFE
TAGGYMPWFAQLRSDGHAYIAICETPWNAGYDIDHPAGGPYTHVGMWFEPSLGRMDYRRVVRYRLLDHADHTAICKTYRA
YVNERGRLRTLAEKAARNPSVRDLLGRSWVAVGIKTNVQPDSSFYDPAQPGKNDSLVTFAQRERQMRTLHEMGAGRLYLA
LAGWAQPGYDNGHPDYLPACREAGGWKGMKSLIDACHEQGDLFGTADQYRDYYFAARTFDPRNAIRLADGTMPEHAMWAG
GRQTYLCAELAPDYVRRNFSEIATHGIVLDCAYLDVFTCNEGDECSHPEHRMTRRECYERRAECFEYLLAHGILTSSEEV
SDWAVPSLVFCHYAPYDFQMRSPDAPRHGIPVPLYNLVYHDCVIQPWMMDRVAGGDDYMLYALLNGGAPYLIRDAAYAGM
DGDMNAALRARTENDIERCAVVAGLHRRVGMQELVRHDLVGGDPLVQRSVFADGTAVTCDFHAQTYEVAANGSHHHHHHH
;
_entity_poly.pdbx_strand_id   A,B
#
loop_
_chem_comp.id
_chem_comp.type
_chem_comp.name
_chem_comp.formula
GOL non-polymer GLYCEROL 'C3 H8 O3'
ZN non-polymer 'ZINC ION' 'Zn 2'
#
# COMPACT_ATOMS: atom_id res chain seq x y z
N MET A 1 -33.12 -14.23 20.83
CA MET A 1 -33.64 -15.34 19.99
C MET A 1 -32.45 -16.21 19.58
N MET A 2 -31.47 -15.66 18.85
CA MET A 2 -30.25 -16.46 18.54
C MET A 2 -29.09 -16.09 19.46
N GLN A 3 -28.49 -17.11 20.07
CA GLN A 3 -27.43 -16.91 21.04
C GLN A 3 -26.22 -17.75 20.69
N PHE A 4 -25.06 -17.11 20.70
CA PHE A 4 -23.77 -17.73 20.37
C PHE A 4 -22.78 -17.44 21.50
N THR A 5 -21.97 -18.44 21.81
CA THR A 5 -20.89 -18.27 22.77
C THR A 5 -19.67 -18.81 22.11
N MET A 6 -18.60 -18.01 22.09
CA MET A 6 -17.33 -18.44 21.48
C MET A 6 -16.19 -17.62 22.01
N SER A 7 -15.16 -18.34 22.45
CA SER A 7 -13.87 -17.80 22.90
C SER A 7 -14.02 -16.65 23.92
N GLY A 8 -14.99 -16.78 24.83
CA GLY A 8 -15.16 -15.75 25.87
C GLY A 8 -16.20 -14.68 25.56
N THR A 9 -16.68 -14.62 24.32
CA THR A 9 -17.68 -13.62 23.91
C THR A 9 -19.03 -14.26 23.76
N MET A 10 -20.08 -13.57 24.21
CA MET A 10 -21.42 -13.91 23.80
C MET A 10 -22.08 -12.90 22.84
N LEU A 11 -22.74 -13.42 21.81
CA LEU A 11 -23.49 -12.59 20.87
C LEU A 11 -24.94 -13.02 20.97
N ARG A 12 -25.87 -12.06 21.02
CA ARG A 12 -27.31 -12.34 20.98
C ARG A 12 -27.95 -11.50 19.92
N PHE A 13 -28.83 -12.11 19.16
CA PHE A 13 -29.46 -11.39 18.07
C PHE A 13 -30.92 -11.76 18.10
N ASP A 14 -31.79 -10.76 18.19
CA ASP A 14 -33.24 -10.96 18.12
C ASP A 14 -33.70 -10.91 16.66
N GLU A 15 -34.20 -12.05 16.14
CA GLU A 15 -34.67 -12.20 14.76
C GLU A 15 -35.77 -11.23 14.37
N THR A 16 -36.66 -10.92 15.33
CA THR A 16 -37.79 -10.07 15.07
C THR A 16 -37.29 -8.61 15.10
N THR A 17 -36.78 -8.14 16.24
CA THR A 17 -36.36 -6.73 16.36
C THR A 17 -35.15 -6.31 15.47
N LEU A 18 -34.27 -7.24 15.14
CA LEU A 18 -32.88 -6.97 14.59
C LEU A 18 -31.88 -6.39 15.60
N ARG A 19 -32.26 -6.35 16.87
CA ARG A 19 -31.38 -5.80 17.85
C ARG A 19 -30.35 -6.86 18.19
N PHE A 20 -29.17 -6.41 18.63
CA PHE A 20 -28.15 -7.32 19.11
C PHE A 20 -27.43 -6.85 20.36
N SER A 21 -26.93 -7.80 21.13
CA SER A 21 -26.10 -7.47 22.25
C SER A 21 -24.88 -8.36 22.20
N PHE A 22 -23.79 -7.88 22.78
CA PHE A 22 -22.65 -8.75 23.03
C PHE A 22 -22.00 -8.52 24.38
N SER A 23 -21.35 -9.57 24.87
CA SER A 23 -20.88 -9.59 26.25
C SER A 23 -19.53 -10.22 26.28
N ARG A 24 -18.67 -9.74 27.18
CA ARG A 24 -17.35 -10.34 27.40
C ARG A 24 -16.80 -9.89 28.72
N ASP A 25 -16.06 -10.78 29.39
CA ASP A 25 -15.54 -10.52 30.74
C ASP A 25 -16.55 -9.96 31.72
N GLY A 26 -17.79 -10.45 31.67
CA GLY A 26 -18.87 -9.99 32.59
C GLY A 26 -19.48 -8.59 32.33
N ALA A 27 -19.27 -8.02 31.15
CA ALA A 27 -19.92 -6.79 30.76
C ALA A 27 -20.75 -7.09 29.53
N THR A 28 -21.96 -6.55 29.51
CA THR A 28 -22.84 -6.61 28.33
C THR A 28 -23.12 -5.26 27.68
N TRP A 29 -23.10 -5.26 26.35
CA TRP A 29 -23.43 -4.11 25.55
C TRP A 29 -24.60 -4.44 24.59
N SER A 30 -25.61 -3.57 24.56
CA SER A 30 -26.83 -3.79 23.79
C SER A 30 -27.11 -2.68 22.88
N GLY A 31 -27.53 -3.03 21.67
CA GLY A 31 -27.92 -2.01 20.71
C GLY A 31 -29.06 -1.21 21.30
N CYS A 32 -29.07 0.11 21.07
CA CYS A 32 -30.21 0.96 21.45
C CYS A 32 -31.52 0.42 20.93
N ASP A 33 -32.45 0.13 21.83
CA ASP A 33 -33.83 -0.14 21.42
C ASP A 33 -34.30 1.18 20.78
N GLY A 34 -35.29 1.13 19.92
CA GLY A 34 -35.74 2.43 19.35
C GLY A 34 -34.77 3.20 18.45
N ILE A 35 -33.55 2.70 18.26
CA ILE A 35 -32.80 3.11 17.07
C ILE A 35 -32.62 1.86 16.17
N GLU A 36 -33.29 1.89 15.03
CA GLU A 36 -33.29 0.79 14.06
C GLU A 36 -32.14 0.97 13.12
N PRO A 37 -31.60 -0.15 12.59
CA PRO A 37 -30.67 -0.01 11.48
C PRO A 37 -31.41 0.54 10.24
N GLN A 38 -30.84 1.54 9.57
CA GLN A 38 -31.61 2.20 8.49
C GLN A 38 -30.92 2.39 7.19
N LEU A 39 -31.76 2.58 6.16
CA LEU A 39 -31.36 3.05 4.84
C LEU A 39 -31.94 4.41 4.70
N THR A 40 -31.25 5.24 3.95
CA THR A 40 -31.68 6.60 3.71
C THR A 40 -31.73 6.84 2.21
N ARG A 41 -32.80 7.49 1.76
CA ARG A 41 -32.86 8.03 0.39
C ARG A 41 -33.62 9.33 0.44
N GLU A 42 -33.02 10.34 -0.20
CA GLU A 42 -33.47 11.75 -0.18
C GLU A 42 -33.80 12.24 1.26
N ASP A 43 -34.99 12.80 1.44
CA ASP A 43 -35.47 13.34 2.74
C ASP A 43 -36.00 12.26 3.74
N ARG A 44 -36.00 10.98 3.35
CA ARG A 44 -36.62 9.93 4.17
C ARG A 44 -35.86 8.59 4.31
N SER A 45 -36.20 7.86 5.37
CA SER A 45 -35.47 6.67 5.85
C SER A 45 -36.30 5.43 5.94
N PHE A 46 -35.61 4.32 6.06
CA PHE A 46 -36.20 3.02 6.04
C PHE A 46 -35.52 2.15 7.06
N SER A 47 -36.29 1.53 7.96
CA SER A 47 -35.74 0.48 8.77
C SER A 47 -35.48 -0.70 7.87
N PHE A 48 -34.45 -1.45 8.25
CA PHE A 48 -34.08 -2.69 7.54
C PHE A 48 -35.24 -3.62 7.71
N ALA A 49 -35.86 -3.59 8.91
CA ALA A 49 -37.02 -4.46 9.23
C ALA A 49 -38.25 -4.10 8.37
N GLY A 50 -38.16 -3.00 7.62
CA GLY A 50 -39.11 -2.66 6.55
C GLY A 50 -39.01 -3.51 5.27
N ALA A 51 -38.13 -4.53 5.25
CA ALA A 51 -37.97 -5.35 4.06
C ALA A 51 -39.22 -6.19 4.03
N ALA A 52 -39.76 -6.41 2.83
CA ALA A 52 -40.79 -7.42 2.56
C ALA A 52 -40.41 -8.84 3.00
N THR A 53 -39.20 -9.29 2.65
CA THR A 53 -38.73 -10.65 3.01
C THR A 53 -37.49 -10.54 3.87
N VAL A 54 -37.49 -11.20 5.02
CA VAL A 54 -36.31 -11.21 5.90
C VAL A 54 -36.04 -12.62 6.38
N THR A 55 -34.90 -13.21 6.00
CA THR A 55 -34.56 -14.59 6.39
C THR A 55 -33.24 -14.58 7.12
N HIS A 56 -33.12 -15.39 8.15
CA HIS A 56 -31.92 -15.49 8.99
C HIS A 56 -31.37 -16.90 8.88
N GLU A 57 -30.04 -17.03 8.89
CA GLU A 57 -29.37 -18.33 8.87
C GLU A 57 -28.28 -18.39 9.94
N ARG A 58 -28.27 -19.47 10.71
CA ARG A 58 -27.27 -19.66 11.75
C ARG A 58 -26.04 -20.26 11.11
N ILE A 59 -24.88 -19.69 11.38
CA ILE A 59 -23.68 -20.15 10.68
C ILE A 59 -22.60 -20.56 11.67
N GLU A 60 -21.80 -21.53 11.28
CA GLU A 60 -20.48 -21.79 11.88
C GLU A 60 -19.49 -22.16 10.78
N THR A 61 -18.32 -21.57 10.82
CA THR A 61 -17.23 -21.81 9.85
C THR A 61 -16.02 -22.12 10.64
N GLY A 62 -14.96 -22.48 9.94
CA GLY A 62 -13.66 -22.68 10.58
C GLY A 62 -13.14 -21.50 11.40
N THR A 63 -13.61 -20.29 11.10
CA THR A 63 -13.07 -19.10 11.75
C THR A 63 -14.05 -18.45 12.69
N GLY A 64 -15.31 -18.84 12.69
CA GLY A 64 -16.26 -18.12 13.57
C GLY A 64 -17.66 -18.68 13.58
N VAL A 65 -18.52 -18.03 14.34
CA VAL A 65 -19.94 -18.40 14.42
C VAL A 65 -20.84 -17.18 14.46
N GLY A 66 -22.01 -17.24 13.83
CA GLY A 66 -22.92 -16.10 13.88
C GLY A 66 -24.08 -16.15 12.92
N VAL A 67 -24.69 -15.01 12.62
CA VAL A 67 -25.94 -15.05 11.87
C VAL A 67 -25.79 -14.25 10.58
N ARG A 68 -26.27 -14.83 9.46
CA ARG A 68 -26.39 -14.12 8.19
C ARG A 68 -27.88 -13.77 7.95
N SER A 69 -28.18 -12.51 7.68
CA SER A 69 -29.59 -12.09 7.45
C SER A 69 -29.69 -11.50 6.06
N VAL A 70 -30.75 -11.87 5.32
CA VAL A 70 -30.98 -11.41 3.93
C VAL A 70 -32.24 -10.57 3.94
N PHE A 71 -32.18 -9.37 3.37
CA PHE A 71 -33.27 -8.39 3.36
C PHE A 71 -33.61 -8.13 1.90
N ALA A 72 -34.88 -8.32 1.51
CA ALA A 72 -35.27 -8.10 0.13
C ALA A 72 -36.62 -7.38 0.04
N GLY A 73 -36.68 -6.36 -0.82
CA GLY A 73 -37.93 -5.67 -1.22
C GLY A 73 -38.32 -4.52 -0.32
N PHE A 74 -38.29 -3.31 -0.83
CA PHE A 74 -38.67 -2.12 -0.03
C PHE A 74 -39.69 -1.28 -0.77
N ALA A 75 -40.96 -1.37 -0.30
CA ALA A 75 -42.14 -0.76 -0.96
C ALA A 75 -42.11 -1.14 -2.46
N GLY A 76 -42.38 -2.43 -2.76
CA GLY A 76 -42.20 -3.04 -4.11
C GLY A 76 -40.90 -2.77 -4.89
N ALA A 77 -39.98 -1.96 -4.32
CA ALA A 77 -38.64 -1.76 -4.90
C ALA A 77 -37.89 -3.07 -4.74
N ASP A 78 -37.10 -3.40 -5.77
CA ASP A 78 -36.27 -4.53 -5.67
C ASP A 78 -34.81 -4.17 -5.23
N TYR A 79 -34.69 -3.85 -3.94
CA TYR A 79 -33.40 -3.71 -3.32
C TYR A 79 -33.22 -4.90 -2.39
N ALA A 80 -32.01 -5.45 -2.36
CA ALA A 80 -31.66 -6.60 -1.54
C ALA A 80 -30.18 -6.51 -1.12
N PHE A 81 -29.93 -6.93 0.13
CA PHE A 81 -28.63 -6.96 0.77
C PHE A 81 -28.61 -7.93 1.94
N GLU A 82 -27.39 -8.25 2.41
CA GLU A 82 -27.15 -9.21 3.47
C GLU A 82 -26.39 -8.57 4.58
N THR A 83 -26.63 -9.01 5.80
CA THR A 83 -25.71 -8.70 6.90
C THR A 83 -25.18 -10.05 7.43
N TYR A 84 -23.99 -10.01 8.03
CA TYR A 84 -23.41 -11.18 8.61
C TYR A 84 -22.75 -10.68 9.86
N ILE A 85 -23.23 -11.18 11.01
CA ILE A 85 -22.73 -10.77 12.33
C ILE A 85 -22.17 -11.98 13.06
N TRP A 86 -20.89 -11.91 13.43
CA TRP A 86 -20.23 -13.14 13.90
C TRP A 86 -19.13 -12.92 14.88
N ILE A 87 -18.94 -13.94 15.73
CA ILE A 87 -17.81 -13.97 16.66
C ILE A 87 -16.63 -14.64 16.02
N GLU A 88 -15.47 -13.96 16.03
CA GLU A 88 -14.22 -14.55 15.45
C GLU A 88 -13.62 -15.46 16.48
N ARG A 89 -13.35 -16.72 16.09
CA ARG A 89 -12.89 -17.75 17.02
C ARG A 89 -11.59 -17.39 17.72
N SER A 90 -10.60 -16.94 16.94
CA SER A 90 -9.27 -16.73 17.42
C SER A 90 -9.09 -15.51 18.31
N SER A 91 -10.04 -14.58 18.36
CA SER A 91 -9.84 -13.31 19.09
C SER A 91 -11.00 -13.02 20.06
N GLY A 92 -12.19 -13.52 19.75
CA GLY A 92 -13.37 -13.04 20.48
C GLY A 92 -13.98 -11.73 19.99
N ASP A 93 -13.49 -11.23 18.84
CA ASP A 93 -13.98 -9.98 18.25
C ASP A 93 -15.34 -10.23 17.63
N VAL A 94 -16.12 -9.18 17.45
CA VAL A 94 -17.41 -9.38 16.74
C VAL A 94 -17.34 -8.59 15.47
N LEU A 95 -17.54 -9.28 14.36
CA LEU A 95 -17.49 -8.64 13.07
C LEU A 95 -18.88 -8.45 12.52
N CYS A 96 -19.11 -7.27 11.97
CA CYS A 96 -20.38 -6.94 11.36
C CYS A 96 -20.18 -6.57 9.92
N GLU A 97 -20.79 -7.35 9.03
CA GLU A 97 -20.67 -7.10 7.58
C GLU A 97 -22.00 -6.69 6.95
N TRP A 98 -21.95 -5.68 6.06
CA TRP A 98 -23.08 -5.26 5.28
C TRP A 98 -22.70 -5.53 3.85
N VAL A 99 -23.51 -6.35 3.21
CA VAL A 99 -23.15 -6.95 1.95
C VAL A 99 -24.17 -6.64 0.89
N PRO A 100 -23.79 -5.85 -0.11
CA PRO A 100 -24.70 -5.56 -1.19
C PRO A 100 -24.88 -6.80 -2.09
N LEU A 101 -26.07 -6.90 -2.69
CA LEU A 101 -26.42 -8.00 -3.61
C LEU A 101 -26.83 -7.53 -5.00
N ARG A 102 -27.14 -6.25 -5.14
CA ARG A 102 -27.57 -5.70 -6.43
C ARG A 102 -26.45 -4.96 -7.16
N ILE A 110 -29.59 4.43 -2.79
CA ILE A 110 -29.38 4.56 -1.35
C ILE A 110 -28.39 5.68 -1.10
N ASP A 111 -28.77 6.67 -0.31
CA ASP A 111 -27.81 7.74 0.03
C ASP A 111 -26.89 7.34 1.19
N ARG A 112 -27.42 6.60 2.16
CA ARG A 112 -26.70 6.29 3.38
C ARG A 112 -27.24 5.02 4.07
N VAL A 113 -26.35 4.23 4.65
CA VAL A 113 -26.71 3.07 5.45
C VAL A 113 -26.20 3.38 6.86
N LEU A 114 -27.11 3.46 7.80
CA LEU A 114 -26.80 3.71 9.21
C LEU A 114 -26.85 2.37 9.91
N TRP A 115 -25.71 1.68 9.95
CA TRP A 115 -25.61 0.35 10.49
C TRP A 115 -24.15 0.06 10.84
N PRO A 116 -23.89 -0.67 11.92
CA PRO A 116 -24.83 -1.16 12.91
C PRO A 116 -25.47 -0.05 13.75
N ALA A 117 -26.57 -0.37 14.39
CA ALA A 117 -27.26 0.59 15.28
C ALA A 117 -26.28 1.00 16.38
N PRO A 118 -26.39 2.22 16.89
CA PRO A 118 -25.55 2.58 18.03
C PRO A 118 -25.84 1.72 19.24
N LEU A 119 -24.82 1.52 20.06
CA LEU A 119 -24.94 0.79 21.32
C LEU A 119 -25.45 1.70 22.43
N SER A 120 -26.08 1.08 23.42
CA SER A 120 -26.67 1.88 24.49
C SER A 120 -25.56 2.33 25.41
N PHE A 121 -25.58 3.62 25.74
CA PHE A 121 -24.54 4.23 26.60
C PHE A 121 -25.15 5.43 27.31
N ASP A 122 -26.17 5.09 28.10
CA ASP A 122 -26.97 6.05 28.84
C ASP A 122 -26.83 5.87 30.35
N ARG A 123 -25.91 5.00 30.74
CA ARG A 123 -25.64 4.64 32.14
C ARG A 123 -25.77 5.76 33.15
N ALA A 124 -25.76 7.00 32.67
CA ALA A 124 -25.87 8.18 33.53
C ALA A 124 -24.88 8.15 34.69
N ASP A 125 -23.60 8.06 34.35
CA ASP A 125 -22.55 8.06 35.34
C ASP A 125 -22.08 9.50 35.40
N ALA A 126 -20.81 9.71 35.05
CA ALA A 126 -20.15 11.00 35.01
C ALA A 126 -18.83 10.74 34.34
N HIS A 127 -18.20 9.64 34.74
CA HIS A 127 -16.92 9.22 34.21
C HIS A 127 -17.09 8.24 33.05
N ASP A 128 -18.33 8.03 32.63
CA ASP A 128 -18.60 7.16 31.49
C ASP A 128 -18.37 8.06 30.29
N VAL A 129 -17.41 7.70 29.44
CA VAL A 129 -17.08 8.55 28.31
C VAL A 129 -17.09 7.91 26.92
N THR A 130 -17.16 8.78 25.92
CA THR A 130 -17.11 8.42 24.51
C THR A 130 -15.84 9.04 23.88
N LEU A 131 -15.10 8.27 23.09
CA LEU A 131 -13.91 8.80 22.44
C LEU A 131 -14.16 8.93 20.95
N ILE A 132 -13.97 10.13 20.39
CA ILE A 132 -14.11 10.29 18.92
C ILE A 132 -12.84 10.89 18.34
N THR A 133 -12.59 10.59 17.06
CA THR A 133 -11.34 10.99 16.42
C THR A 133 -11.46 12.23 15.60
N HIS A 134 -12.37 13.12 16.01
CA HIS A 134 -12.53 14.39 15.35
C HIS A 134 -11.27 15.17 15.72
N GLU A 135 -10.38 15.29 14.77
CA GLU A 135 -9.05 15.88 14.94
C GLU A 135 -8.26 15.15 16.02
N GLN A 136 -7.34 15.83 16.72
CA GLN A 136 -6.39 15.13 17.63
C GLN A 136 -7.11 14.16 18.57
N GLY A 137 -8.23 14.59 19.18
CA GLY A 137 -8.98 13.66 19.99
C GLY A 137 -9.91 14.32 20.98
N VAL A 138 -11.08 13.71 21.14
CA VAL A 138 -12.10 14.19 22.11
C VAL A 138 -12.64 13.07 23.02
N MET A 139 -12.60 13.35 24.33
CA MET A 139 -13.21 12.47 25.32
C MET A 139 -14.45 13.18 25.91
N ILE A 140 -15.61 12.63 25.56
CA ILE A 140 -16.91 13.22 25.89
C ILE A 140 -17.56 12.46 27.03
N PRO A 141 -17.60 13.06 28.23
CA PRO A 141 -18.33 12.40 29.33
C PRO A 141 -19.86 12.46 29.13
N ASN A 142 -20.57 11.48 29.67
CA ASN A 142 -21.99 11.42 29.49
C ASN A 142 -22.71 12.63 30.02
N SER A 143 -22.12 13.27 31.04
CA SER A 143 -22.65 14.46 31.67
C SER A 143 -22.17 15.77 30.96
N TRP A 144 -21.48 15.67 29.84
CA TRP A 144 -20.85 16.90 29.25
C TRP A 144 -21.94 17.93 28.95
N PRO A 145 -21.77 19.19 29.41
CA PRO A 145 -22.93 20.16 29.30
C PRO A 145 -23.15 20.74 27.91
N THR A 146 -22.26 20.50 26.96
CA THR A 146 -22.38 21.05 25.57
C THR A 146 -22.93 19.94 24.66
N GLU A 147 -23.83 20.29 23.78
CA GLU A 147 -24.33 19.33 22.80
C GLU A 147 -23.27 19.03 21.73
N VAL A 148 -23.18 17.75 21.36
CA VAL A 148 -22.28 17.35 20.32
C VAL A 148 -23.07 16.49 19.33
N GLY A 149 -23.24 17.01 18.13
CA GLY A 149 -23.93 16.34 17.03
C GLY A 149 -23.03 16.29 15.79
N THR A 150 -23.34 15.36 14.89
CA THR A 150 -22.57 15.19 13.63
C THR A 150 -22.42 16.52 12.89
N ASP A 151 -23.48 17.32 12.93
CA ASP A 151 -23.47 18.62 12.24
C ASP A 151 -22.44 19.59 12.80
N ALA A 152 -21.99 19.34 14.04
CA ALA A 152 -20.92 20.17 14.60
C ALA A 152 -19.55 19.55 14.41
N VAL A 153 -19.47 18.39 13.74
CA VAL A 153 -18.17 17.69 13.54
C VAL A 153 -17.73 17.98 12.12
N SER A 154 -16.44 18.28 11.95
CA SER A 154 -15.89 18.60 10.61
C SER A 154 -16.20 17.47 9.60
N PHE A 155 -16.51 17.88 8.36
CA PHE A 155 -16.84 16.93 7.26
C PHE A 155 -17.92 15.91 7.64
N GLY A 156 -18.82 16.28 8.55
CA GLY A 156 -19.86 15.38 8.99
C GLY A 156 -19.42 14.04 9.53
N GLY A 157 -18.25 13.99 10.16
CA GLY A 157 -17.79 12.70 10.78
C GLY A 157 -17.28 11.69 9.77
N ARG A 158 -16.93 12.16 8.59
CA ARG A 158 -16.34 11.32 7.59
C ARG A 158 -14.95 10.82 8.01
N PHE A 159 -14.71 9.51 7.96
CA PHE A 159 -13.34 8.99 8.16
C PHE A 159 -12.43 9.45 7.04
N GLU A 160 -11.12 9.35 7.27
CA GLU A 160 -10.10 9.81 6.29
C GLU A 160 -10.08 11.34 6.08
N THR A 161 -10.59 12.07 7.07
CA THR A 161 -10.63 13.55 7.00
C THR A 161 -10.45 14.05 8.43
N ALA A 162 -10.40 15.37 8.57
CA ALA A 162 -10.33 16.02 9.86
C ALA A 162 -11.46 15.67 10.81
N GLY A 163 -12.60 15.27 10.25
CA GLY A 163 -13.72 14.74 11.04
C GLY A 163 -13.50 13.42 11.75
N GLY A 164 -12.55 12.64 11.24
CA GLY A 164 -12.28 11.31 11.72
C GLY A 164 -10.89 10.91 11.28
N TYR A 165 -9.89 11.40 12.02
CA TYR A 165 -8.50 11.12 11.70
C TYR A 165 -8.20 9.62 11.59
N MET A 166 -8.93 8.83 12.39
CA MET A 166 -8.80 7.39 12.43
C MET A 166 -10.16 6.74 12.38
N PRO A 167 -10.27 5.62 11.64
CA PRO A 167 -11.54 4.99 11.41
C PRO A 167 -12.06 4.14 12.58
N TRP A 168 -12.26 4.81 13.70
CA TRP A 168 -12.84 4.19 14.89
C TRP A 168 -13.51 5.18 15.85
N PHE A 169 -14.31 4.63 16.77
CA PHE A 169 -14.81 5.37 17.95
C PHE A 169 -14.94 4.36 19.06
N ALA A 170 -15.04 4.82 20.29
CA ALA A 170 -15.04 3.91 21.41
C ALA A 170 -15.86 4.52 22.55
N GLN A 171 -16.37 3.64 23.41
CA GLN A 171 -17.03 4.05 24.64
C GLN A 171 -16.52 3.21 25.77
N LEU A 172 -16.33 3.88 26.89
CA LEU A 172 -15.59 3.32 28.02
C LEU A 172 -16.38 3.67 29.29
N ARG A 173 -16.87 2.67 30.00
CA ARG A 173 -17.61 2.89 31.23
C ARG A 173 -16.54 3.20 32.29
N SER A 174 -16.98 3.79 33.39
CA SER A 174 -16.10 4.09 34.48
C SER A 174 -15.55 2.88 35.18
N ASP A 175 -16.08 1.69 34.95
CA ASP A 175 -15.53 0.50 35.59
C ASP A 175 -14.47 -0.21 34.73
N GLY A 176 -14.04 0.45 33.65
CA GLY A 176 -12.93 0.01 32.83
C GLY A 176 -13.31 -0.90 31.66
N HIS A 177 -14.59 -1.16 31.51
CA HIS A 177 -15.08 -2.01 30.44
C HIS A 177 -15.39 -1.07 29.32
N ALA A 178 -14.97 -1.47 28.15
CA ALA A 178 -15.07 -0.60 27.00
C ALA A 178 -15.26 -1.48 25.74
N TYR A 179 -15.71 -0.85 24.64
CA TYR A 179 -15.54 -1.41 23.31
C TYR A 179 -14.94 -0.32 22.35
N ILE A 180 -14.18 -0.82 21.39
CA ILE A 180 -13.76 -0.03 20.23
C ILE A 180 -14.40 -0.64 19.01
N ALA A 181 -15.00 0.26 18.18
CA ALA A 181 -15.55 -0.13 16.91
C ALA A 181 -14.62 0.40 15.80
N ILE A 182 -13.95 -0.49 15.08
CA ILE A 182 -13.04 -0.13 14.00
C ILE A 182 -13.77 -0.38 12.71
N CYS A 183 -13.72 0.63 11.84
CA CYS A 183 -14.27 0.51 10.50
C CYS A 183 -13.17 0.01 9.60
N GLU A 184 -13.33 -1.24 9.16
CA GLU A 184 -12.35 -1.89 8.32
C GLU A 184 -12.49 -1.52 6.86
N THR A 185 -13.55 -0.80 6.49
CA THR A 185 -13.76 -0.34 5.13
C THR A 185 -14.10 1.16 5.13
N PRO A 186 -13.07 2.01 5.35
CA PRO A 186 -13.39 3.38 5.79
C PRO A 186 -13.67 4.41 4.68
N TRP A 187 -13.50 4.04 3.40
CA TRP A 187 -13.29 5.05 2.38
C TRP A 187 -14.61 5.70 1.91
N ASN A 188 -15.75 5.04 2.20
CA ASN A 188 -17.05 5.64 1.94
C ASN A 188 -17.85 5.54 3.26
N ALA A 189 -17.25 6.05 4.34
CA ALA A 189 -17.82 5.84 5.65
C ALA A 189 -17.50 6.95 6.63
N GLY A 190 -18.22 6.92 7.74
CA GLY A 190 -18.05 7.97 8.73
C GLY A 190 -18.74 7.51 9.98
N TYR A 191 -18.75 8.38 11.00
CA TYR A 191 -19.56 8.13 12.18
C TYR A 191 -20.56 9.28 12.35
N ASP A 192 -21.63 8.96 13.09
CA ASP A 192 -22.68 9.91 13.52
C ASP A 192 -22.56 9.98 15.01
N ILE A 193 -22.70 11.14 15.61
CA ILE A 193 -22.67 11.23 17.04
C ILE A 193 -23.87 12.07 17.49
N ASP A 194 -24.49 11.61 18.58
CA ASP A 194 -25.55 12.35 19.28
C ASP A 194 -25.31 12.36 20.80
N HIS A 195 -24.77 13.50 21.27
CA HIS A 195 -24.70 13.75 22.68
C HIS A 195 -25.48 15.00 22.98
N PRO A 196 -26.65 14.85 23.66
CA PRO A 196 -27.44 16.05 24.03
C PRO A 196 -26.72 16.85 25.09
N ALA A 197 -27.00 18.16 25.14
CA ALA A 197 -26.40 19.08 26.12
C ALA A 197 -26.75 18.51 27.50
N GLY A 198 -25.73 18.16 28.29
CA GLY A 198 -25.91 17.58 29.60
C GLY A 198 -26.16 16.10 29.65
N GLY A 199 -26.23 15.43 28.51
CA GLY A 199 -26.46 14.01 28.55
C GLY A 199 -27.95 13.69 28.54
N PRO A 200 -28.33 12.58 29.17
CA PRO A 200 -27.42 11.78 29.97
C PRO A 200 -26.70 10.68 29.11
N TYR A 201 -26.95 10.66 27.80
CA TYR A 201 -26.35 9.61 26.96
C TYR A 201 -25.41 10.19 25.89
N THR A 202 -24.67 9.27 25.25
CA THR A 202 -24.03 9.58 23.99
C THR A 202 -24.17 8.35 23.13
N HIS A 203 -24.70 8.57 21.91
CA HIS A 203 -24.81 7.53 20.90
C HIS A 203 -23.88 7.79 19.70
N VAL A 204 -23.05 6.81 19.36
CA VAL A 204 -22.24 6.89 18.16
C VAL A 204 -22.54 5.68 17.30
N GLY A 205 -22.49 5.89 15.99
CA GLY A 205 -22.80 4.77 15.07
C GLY A 205 -22.10 5.04 13.78
N MET A 206 -21.79 3.96 13.04
CA MET A 206 -21.19 4.01 11.69
C MET A 206 -22.18 4.41 10.65
N TRP A 207 -21.72 5.18 9.67
CA TRP A 207 -22.52 5.40 8.46
C TRP A 207 -21.69 5.02 7.24
N PHE A 208 -22.36 4.58 6.18
CA PHE A 208 -21.70 4.25 4.93
C PHE A 208 -22.47 4.84 3.77
N GLU A 209 -21.74 5.27 2.74
CA GLU A 209 -22.37 5.90 1.61
C GLU A 209 -22.04 5.02 0.41
N PRO A 210 -22.82 5.18 -0.68
CA PRO A 210 -22.42 4.51 -1.92
C PRO A 210 -21.07 5.04 -2.46
N SER A 211 -20.43 4.21 -3.25
CA SER A 211 -19.31 4.59 -4.06
C SER A 211 -19.84 4.66 -5.49
N LEU A 212 -19.69 5.88 -6.06
CA LEU A 212 -20.08 6.20 -7.41
C LEU A 212 -21.48 5.70 -7.71
N GLY A 213 -22.37 5.95 -6.76
CA GLY A 213 -23.76 5.69 -6.94
C GLY A 213 -24.29 4.31 -6.53
N ARG A 214 -23.42 3.38 -6.16
CA ARG A 214 -23.86 2.02 -5.73
C ARG A 214 -23.19 1.65 -4.42
N MET A 215 -23.81 0.82 -3.62
CA MET A 215 -23.15 0.43 -2.39
C MET A 215 -21.86 -0.36 -2.69
N ASP A 216 -21.88 -1.08 -3.81
CA ASP A 216 -20.72 -1.74 -4.40
C ASP A 216 -20.03 -2.88 -3.63
N TYR A 217 -19.27 -2.56 -2.61
CA TYR A 217 -18.44 -3.52 -1.92
C TYR A 217 -18.89 -3.65 -0.44
N ARG A 218 -18.53 -4.79 0.15
CA ARG A 218 -18.97 -5.17 1.51
C ARG A 218 -18.39 -4.19 2.49
N ARG A 219 -19.19 -3.75 3.45
CA ARG A 219 -18.73 -2.82 4.48
C ARG A 219 -18.54 -3.64 5.75
N VAL A 220 -17.49 -3.37 6.50
CA VAL A 220 -17.19 -4.23 7.67
C VAL A 220 -16.73 -3.43 8.87
N VAL A 221 -17.30 -3.79 10.02
CA VAL A 221 -16.98 -3.15 11.30
C VAL A 221 -16.54 -4.22 12.27
N ARG A 222 -15.44 -3.97 12.96
CA ARG A 222 -14.90 -4.96 13.91
C ARG A 222 -15.02 -4.37 15.35
N TYR A 223 -15.77 -5.04 16.23
CA TYR A 223 -15.87 -4.59 17.63
C TYR A 223 -14.94 -5.44 18.48
N ARG A 224 -14.19 -4.79 19.34
CA ARG A 224 -13.40 -5.49 20.38
C ARG A 224 -13.87 -4.97 21.71
N LEU A 225 -14.34 -5.91 22.54
CA LEU A 225 -14.72 -5.59 23.90
C LEU A 225 -13.52 -5.74 24.81
N LEU A 226 -13.25 -4.72 25.63
CA LEU A 226 -12.09 -4.69 26.51
C LEU A 226 -12.47 -4.50 27.99
N ASP A 227 -11.63 -5.00 28.87
CA ASP A 227 -11.79 -4.78 30.30
C ASP A 227 -10.52 -4.18 30.82
N HIS A 228 -10.57 -3.62 32.03
CA HIS A 228 -9.41 -2.97 32.65
C HIS A 228 -8.87 -1.88 31.73
N ALA A 229 -9.76 -1.28 30.98
CA ALA A 229 -9.34 -0.38 29.87
C ALA A 229 -9.29 1.08 30.25
N ASP A 230 -8.46 1.83 29.53
CA ASP A 230 -8.44 3.30 29.63
C ASP A 230 -8.30 3.84 28.20
N HIS A 231 -8.37 5.16 28.04
CA HIS A 231 -8.28 5.69 26.70
C HIS A 231 -6.94 5.34 26.08
N THR A 232 -5.87 5.32 26.88
CA THR A 232 -4.59 4.77 26.38
C THR A 232 -4.75 3.36 25.81
N ALA A 233 -5.20 2.40 26.63
CA ALA A 233 -5.39 1.03 26.14
C ALA A 233 -6.24 0.98 24.86
N ILE A 234 -7.33 1.72 24.81
CA ILE A 234 -8.19 1.73 23.61
C ILE A 234 -7.45 2.16 22.35
N CYS A 235 -6.67 3.25 22.45
CA CYS A 235 -5.77 3.64 21.36
C CYS A 235 -4.76 2.62 20.96
N LYS A 236 -4.17 1.92 21.95
CA LYS A 236 -3.21 0.86 21.61
C LYS A 236 -3.79 -0.30 20.86
N THR A 237 -5.06 -0.57 21.08
CA THR A 237 -5.77 -1.56 20.32
C THR A 237 -5.82 -1.22 18.82
N TYR A 238 -6.09 0.03 18.49
CA TYR A 238 -6.09 0.47 17.08
C TYR A 238 -4.68 0.44 16.46
N ARG A 239 -3.71 0.90 17.26
CA ARG A 239 -2.33 0.90 16.79
C ARG A 239 -1.90 -0.53 16.42
N ALA A 240 -2.23 -1.51 17.28
CA ALA A 240 -1.88 -2.91 17.02
C ALA A 240 -2.63 -3.43 15.77
N TYR A 241 -3.88 -3.01 15.59
CA TYR A 241 -4.69 -3.37 14.38
C TYR A 241 -4.00 -2.85 13.11
N VAL A 242 -3.55 -1.60 13.16
CA VAL A 242 -2.91 -0.98 12.01
C VAL A 242 -1.56 -1.64 11.67
N ASN A 243 -0.78 -1.96 12.70
CA ASN A 243 0.54 -2.56 12.46
C ASN A 243 0.32 -3.96 11.89
N GLU A 244 -0.67 -4.66 12.41
CA GLU A 244 -0.93 -6.03 11.92
C GLU A 244 -1.29 -6.00 10.45
N ARG A 245 -1.84 -4.86 9.98
CA ARG A 245 -2.16 -4.75 8.56
C ARG A 245 -1.08 -3.99 7.80
N GLY A 246 0.07 -3.73 8.42
CA GLY A 246 1.20 -3.13 7.67
C GLY A 246 1.15 -1.65 7.35
N ARG A 247 0.34 -0.87 8.09
CA ARG A 247 0.25 0.58 7.80
C ARG A 247 0.73 1.42 8.97
N LEU A 248 1.40 0.79 9.92
CA LEU A 248 2.07 1.57 10.98
C LEU A 248 3.52 1.96 10.56
N ARG A 249 3.64 2.93 9.63
CA ARG A 249 4.91 3.25 9.04
C ARG A 249 5.66 4.26 9.92
N THR A 250 6.53 3.75 10.79
CA THR A 250 7.22 4.61 11.73
C THR A 250 8.17 5.62 11.04
N LEU A 251 8.54 6.65 11.78
CA LEU A 251 9.57 7.57 11.30
C LEU A 251 10.91 6.90 11.06
N ALA A 252 11.26 5.91 11.91
CA ALA A 252 12.47 5.14 11.74
C ALA A 252 12.42 4.38 10.40
N GLU A 253 11.25 3.83 10.03
CA GLU A 253 11.16 3.20 8.70
C GLU A 253 11.30 4.24 7.58
N LYS A 254 10.66 5.37 7.78
CA LYS A 254 10.81 6.54 6.88
C LYS A 254 12.23 7.03 6.78
N ALA A 255 12.89 7.10 7.93
CA ALA A 255 14.25 7.62 7.95
C ALA A 255 15.29 6.64 7.34
N ALA A 256 14.93 5.36 7.24
CA ALA A 256 15.86 4.36 6.67
C ALA A 256 15.99 4.65 5.20
N ARG A 257 14.92 5.13 4.62
CA ARG A 257 14.92 5.54 3.28
C ARG A 257 15.38 7.01 3.07
N ASN A 258 14.94 7.95 3.91
CA ASN A 258 15.31 9.38 3.80
C ASN A 258 15.80 9.81 5.18
N PRO A 259 17.13 9.69 5.44
CA PRO A 259 17.70 10.07 6.74
C PRO A 259 17.38 11.49 7.20
N SER A 260 17.05 12.41 6.27
CA SER A 260 16.73 13.78 6.63
C SER A 260 15.48 13.87 7.47
N VAL A 261 14.58 12.88 7.40
CA VAL A 261 13.51 12.78 8.41
C VAL A 261 14.02 13.23 9.81
N ARG A 262 15.16 12.70 10.24
CA ARG A 262 15.74 13.04 11.52
C ARG A 262 16.01 14.50 11.71
N ASP A 263 16.31 15.21 10.62
CA ASP A 263 16.68 16.60 10.77
C ASP A 263 15.48 17.50 11.11
N LEU A 264 14.23 16.97 11.05
CA LEU A 264 13.07 17.77 11.47
C LEU A 264 12.97 17.89 13.00
N LEU A 265 13.56 16.93 13.71
CA LEU A 265 13.49 16.93 15.19
C LEU A 265 14.16 18.19 15.77
N GLY A 266 13.47 18.80 16.70
CA GLY A 266 13.90 20.02 17.36
C GLY A 266 13.81 21.29 16.51
N ARG A 267 13.13 21.25 15.38
CA ARG A 267 13.06 22.49 14.60
C ARG A 267 11.85 23.33 14.99
N SER A 268 12.01 24.65 14.90
CA SER A 268 10.89 25.57 15.11
C SER A 268 10.37 25.92 13.74
N TRP A 269 9.04 25.98 13.56
CA TRP A 269 8.43 26.21 12.24
C TRP A 269 8.22 27.69 12.04
N VAL A 270 8.49 28.09 10.80
CA VAL A 270 8.11 29.40 10.26
C VAL A 270 7.25 29.28 9.01
N ALA A 271 5.98 29.69 9.07
CA ALA A 271 5.14 29.59 7.89
C ALA A 271 4.69 31.00 7.54
N VAL A 272 5.25 31.52 6.45
CA VAL A 272 4.95 32.87 5.96
C VAL A 272 4.85 32.80 4.43
N GLY A 273 4.41 33.92 3.80
CA GLY A 273 4.13 33.94 2.37
C GLY A 273 4.84 35.01 1.55
N ILE A 274 4.53 35.05 0.28
CA ILE A 274 5.21 35.92 -0.65
C ILE A 274 4.11 36.79 -1.25
N LYS A 275 3.33 36.21 -2.15
CA LYS A 275 2.32 37.00 -2.89
C LYS A 275 0.90 36.59 -2.50
N THR A 276 0.09 37.62 -2.26
CA THR A 276 -1.32 37.46 -1.99
C THR A 276 -2.06 38.18 -3.16
N ASN A 277 -3.13 37.58 -3.69
CA ASN A 277 -3.85 38.14 -4.90
C ASN A 277 -5.29 37.60 -4.90
N VAL A 278 -6.24 38.43 -4.50
CA VAL A 278 -7.65 38.03 -4.38
C VAL A 278 -8.36 38.51 -5.65
N GLN A 279 -8.85 37.58 -6.45
CA GLN A 279 -9.51 37.89 -7.71
C GLN A 279 -10.89 38.44 -7.41
N PRO A 280 -11.44 39.26 -8.33
CA PRO A 280 -12.73 39.94 -8.07
C PRO A 280 -13.91 38.97 -7.97
N ASP A 281 -13.77 37.73 -8.45
CA ASP A 281 -14.80 36.72 -8.13
C ASP A 281 -14.57 35.87 -6.85
N SER A 282 -13.47 36.03 -6.12
CA SER A 282 -13.29 35.32 -4.85
C SER A 282 -14.34 35.78 -3.81
N SER A 283 -14.78 34.87 -2.96
CA SER A 283 -15.58 35.21 -1.82
C SER A 283 -14.83 36.17 -0.89
N PHE A 284 -13.50 36.29 -1.08
CA PHE A 284 -12.73 37.20 -0.22
C PHE A 284 -12.58 38.61 -0.79
N TYR A 285 -13.13 38.85 -1.97
CA TYR A 285 -12.92 40.10 -2.67
C TYR A 285 -13.86 41.17 -2.14
N ASP A 286 -13.32 42.33 -1.80
CA ASP A 286 -14.10 43.49 -1.35
C ASP A 286 -14.05 44.47 -2.53
N PRO A 287 -15.11 44.49 -3.33
CA PRO A 287 -15.20 45.24 -4.59
C PRO A 287 -15.18 46.78 -4.35
N ALA A 288 -15.69 47.16 -3.18
CA ALA A 288 -15.56 48.53 -2.71
C ALA A 288 -14.09 48.84 -2.26
N GLN A 289 -13.20 47.82 -2.23
CA GLN A 289 -11.80 48.04 -1.84
C GLN A 289 -10.91 47.11 -2.64
N PRO A 290 -10.75 47.39 -3.97
CA PRO A 290 -9.96 46.62 -4.97
C PRO A 290 -8.54 46.21 -4.52
N GLY A 291 -7.75 47.14 -3.93
CA GLY A 291 -6.41 46.77 -3.44
C GLY A 291 -6.50 45.81 -2.26
N LYS A 292 -6.96 46.36 -1.15
CA LYS A 292 -7.19 45.64 0.11
C LYS A 292 -6.30 44.42 0.45
N ASN A 293 -6.71 43.20 0.01
CA ASN A 293 -6.02 41.98 0.42
C ASN A 293 -4.71 41.75 -0.29
N ASP A 294 -4.66 42.11 -1.58
CA ASP A 294 -3.44 42.09 -2.38
C ASP A 294 -2.16 42.57 -1.72
N SER A 295 -1.19 41.69 -1.58
CA SER A 295 0.09 42.12 -1.02
C SER A 295 1.26 41.32 -1.59
N LEU A 296 2.47 41.82 -1.31
CA LEU A 296 3.72 41.21 -1.75
C LEU A 296 4.82 41.41 -0.76
N VAL A 297 5.42 40.32 -0.27
CA VAL A 297 6.68 40.39 0.47
C VAL A 297 7.69 39.65 -0.41
N THR A 298 8.88 40.21 -0.61
CA THR A 298 9.82 39.69 -1.64
C THR A 298 10.62 38.54 -1.08
N PHE A 299 11.20 37.71 -1.96
CA PHE A 299 12.17 36.70 -1.47
C PHE A 299 13.28 37.33 -0.61
N ALA A 300 13.77 38.50 -1.03
CA ALA A 300 14.86 39.16 -0.28
C ALA A 300 14.46 39.56 1.15
N GLN A 301 13.21 40.03 1.30
CA GLN A 301 12.66 40.34 2.63
C GLN A 301 12.59 39.08 3.51
N ARG A 302 12.10 37.99 2.92
CA ARG A 302 12.08 36.73 3.67
C ARG A 302 13.48 36.20 3.93
N GLU A 303 14.41 36.41 2.99
CA GLU A 303 15.81 36.06 3.28
C GLU A 303 16.34 36.88 4.49
N ARG A 304 16.12 38.20 4.48
CA ARG A 304 16.61 39.03 5.60
C ARG A 304 15.93 38.63 6.90
N GLN A 305 14.64 38.27 6.83
CA GLN A 305 13.94 37.79 8.03
C GLN A 305 14.62 36.51 8.63
N MET A 306 14.93 35.54 7.75
CA MET A 306 15.57 34.33 8.23
C MET A 306 16.93 34.64 8.85
N ARG A 307 17.68 35.54 8.21
CA ARG A 307 19.00 35.90 8.72
C ARG A 307 18.84 36.55 10.09
N THR A 308 17.83 37.40 10.25
CA THR A 308 17.63 38.08 11.52
C THR A 308 17.22 37.09 12.60
N LEU A 309 16.31 36.16 12.26
CA LEU A 309 15.89 35.15 13.25
C LEU A 309 17.09 34.34 13.75
N HIS A 310 17.95 33.99 12.82
CA HIS A 310 19.17 33.26 13.14
C HIS A 310 20.03 34.06 14.07
N GLU A 311 20.28 35.34 13.71
CA GLU A 311 21.08 36.20 14.55
C GLU A 311 20.48 36.45 15.93
N MET A 312 19.16 36.44 16.05
CA MET A 312 18.49 36.53 17.34
C MET A 312 18.53 35.24 18.16
N GLY A 313 19.10 34.19 17.62
CA GLY A 313 19.24 32.96 18.40
C GLY A 313 18.01 32.10 18.30
N ALA A 314 17.27 32.21 17.19
CA ALA A 314 16.06 31.33 17.02
C ALA A 314 16.36 29.82 16.90
N GLY A 315 17.61 29.48 16.68
CA GLY A 315 17.95 28.10 16.58
C GLY A 315 17.54 27.50 15.26
N ARG A 316 17.43 26.18 15.28
CA ARG A 316 17.22 25.40 14.08
C ARG A 316 15.78 25.61 13.57
N LEU A 317 15.63 26.06 12.31
CA LEU A 317 14.33 26.41 11.73
C LEU A 317 13.94 25.58 10.51
N TYR A 318 12.62 25.51 10.31
CA TYR A 318 12.08 25.03 9.06
C TYR A 318 11.16 26.12 8.53
N LEU A 319 11.40 26.53 7.28
CA LEU A 319 10.57 27.58 6.63
C LEU A 319 9.72 26.88 5.57
N ALA A 320 8.42 27.04 5.73
CA ALA A 320 7.37 26.64 4.82
C ALA A 320 6.84 27.89 4.11
N LEU A 321 7.09 27.97 2.81
CA LEU A 321 6.88 29.22 2.07
C LEU A 321 5.67 29.15 1.16
N ALA A 322 4.70 30.03 1.44
CA ALA A 322 3.41 30.05 0.75
C ALA A 322 3.40 31.15 -0.34
N GLY A 323 2.61 30.93 -1.37
CA GLY A 323 2.37 32.04 -2.34
C GLY A 323 3.62 32.51 -3.06
N TRP A 324 4.50 31.55 -3.35
CA TRP A 324 5.80 31.88 -3.95
C TRP A 324 5.73 31.97 -5.50
N ALA A 325 4.63 31.52 -6.08
CA ALA A 325 4.60 31.51 -7.53
C ALA A 325 3.80 32.66 -8.09
N GLN A 326 3.99 32.92 -9.39
CA GLN A 326 3.46 34.11 -10.09
C GLN A 326 1.95 34.39 -9.84
N PRO A 327 1.09 33.36 -9.92
CA PRO A 327 -0.35 33.61 -9.68
C PRO A 327 -0.67 34.18 -8.28
N GLY A 328 0.20 33.88 -7.31
CA GLY A 328 -0.11 34.22 -5.91
C GLY A 328 -0.88 33.09 -5.21
N TYR A 329 -0.98 33.20 -3.88
CA TYR A 329 -1.53 32.18 -3.06
C TYR A 329 -2.94 31.81 -3.47
N ASP A 330 -3.23 30.48 -3.50
CA ASP A 330 -4.57 30.01 -3.93
C ASP A 330 -5.04 30.56 -5.29
N ASN A 331 -4.08 30.82 -6.19
CA ASN A 331 -4.39 31.22 -7.58
C ASN A 331 -3.72 30.25 -8.54
N GLY A 332 -4.44 29.93 -9.61
CA GLY A 332 -3.80 29.35 -10.79
C GLY A 332 -3.44 27.87 -10.74
N HIS A 333 -3.67 27.21 -9.60
CA HIS A 333 -3.29 25.76 -9.48
C HIS A 333 -4.03 24.94 -10.51
N PRO A 334 -3.36 23.98 -11.15
CA PRO A 334 -2.04 23.46 -10.83
C PRO A 334 -0.96 24.12 -11.66
N ASP A 335 -1.30 25.19 -12.38
CA ASP A 335 -0.29 25.92 -13.14
C ASP A 335 0.34 27.01 -12.29
N TYR A 336 0.99 26.56 -11.26
CA TYR A 336 1.52 27.40 -10.23
C TYR A 336 3.02 27.60 -10.37
N LEU A 337 3.34 28.36 -11.43
CA LEU A 337 4.66 28.62 -11.90
C LEU A 337 4.61 29.90 -12.75
N PRO A 338 5.73 30.56 -12.94
CA PRO A 338 7.05 30.27 -12.35
C PRO A 338 7.13 30.93 -10.97
N ALA A 339 8.31 30.98 -10.38
CA ALA A 339 8.45 31.77 -9.16
C ALA A 339 8.09 33.25 -9.43
N CYS A 340 7.54 33.89 -8.43
CA CYS A 340 6.98 35.23 -8.61
C CYS A 340 8.02 36.29 -9.02
N ARG A 341 7.88 36.83 -10.24
CA ARG A 341 8.86 37.78 -10.79
C ARG A 341 9.03 39.01 -9.90
N GLU A 342 7.92 39.58 -9.45
CA GLU A 342 7.98 40.79 -8.59
C GLU A 342 8.62 40.52 -7.25
N ALA A 343 8.59 39.25 -6.80
CA ALA A 343 9.20 38.93 -5.54
C ALA A 343 10.70 38.69 -5.70
N GLY A 344 11.19 38.59 -6.95
CA GLY A 344 12.61 38.31 -7.20
C GLY A 344 12.85 37.13 -8.09
N GLY A 345 11.78 36.45 -8.51
CA GLY A 345 11.91 35.33 -9.42
C GLY A 345 12.65 34.11 -8.94
N TRP A 346 12.93 33.20 -9.86
CA TRP A 346 13.74 32.03 -9.51
C TRP A 346 15.04 32.41 -8.83
N LYS A 347 15.69 33.50 -9.28
CA LYS A 347 16.99 33.90 -8.74
C LYS A 347 16.87 34.29 -7.23
N GLY A 348 15.82 35.08 -6.91
CA GLY A 348 15.58 35.43 -5.52
C GLY A 348 15.13 34.25 -4.69
N MET A 349 14.27 33.37 -5.26
CA MET A 349 13.88 32.19 -4.54
C MET A 349 15.10 31.31 -4.25
N LYS A 350 15.94 31.06 -5.24
CA LYS A 350 17.14 30.28 -4.93
C LYS A 350 18.04 30.98 -3.88
N SER A 351 18.18 32.30 -3.99
CA SER A 351 19.01 33.04 -3.01
C SER A 351 18.49 32.76 -1.59
N LEU A 352 17.17 32.77 -1.43
CA LEU A 352 16.54 32.57 -0.15
C LEU A 352 16.88 31.16 0.38
N ILE A 353 16.81 30.16 -0.50
CA ILE A 353 16.98 28.79 -0.05
C ILE A 353 18.44 28.58 0.31
N ASP A 354 19.33 29.12 -0.53
CA ASP A 354 20.78 29.09 -0.27
C ASP A 354 21.11 29.66 1.10
N ALA A 355 20.46 30.78 1.42
CA ALA A 355 20.67 31.46 2.68
C ALA A 355 20.20 30.60 3.81
N CYS A 356 19.01 29.99 3.69
CA CYS A 356 18.55 29.01 4.72
C CYS A 356 19.59 27.93 4.95
N HIS A 357 20.00 27.34 3.84
CA HIS A 357 20.94 26.27 3.90
C HIS A 357 22.25 26.72 4.52
N GLU A 358 22.74 27.91 4.13
CA GLU A 358 23.95 28.43 4.69
C GLU A 358 23.87 28.47 6.22
N GLN A 359 22.74 28.86 6.79
CA GLN A 359 22.63 28.94 8.28
C GLN A 359 22.07 27.69 9.00
N GLY A 360 22.03 26.56 8.31
CA GLY A 360 21.58 25.25 8.87
C GLY A 360 20.07 25.06 8.99
N ASP A 361 19.28 25.82 8.25
CA ASP A 361 17.83 25.69 8.32
C ASP A 361 17.27 24.99 7.10
N LEU A 362 16.02 24.54 7.18
CA LEU A 362 15.41 23.75 6.09
C LEU A 362 14.31 24.57 5.44
N PHE A 363 13.93 24.15 4.24
CA PHE A 363 13.02 24.94 3.41
C PHE A 363 12.04 24.07 2.63
N GLY A 364 10.77 24.49 2.59
CA GLY A 364 9.73 23.74 1.87
C GLY A 364 8.84 24.77 1.18
N THR A 365 8.30 24.37 0.05
CA THR A 365 7.28 25.19 -0.62
C THR A 365 5.92 24.67 -0.24
N ALA A 366 4.96 25.60 -0.18
CA ALA A 366 3.55 25.24 -0.13
C ALA A 366 2.96 25.28 -1.52
N ASP A 367 2.10 24.28 -1.80
CA ASP A 367 1.60 24.07 -3.13
C ASP A 367 0.21 23.40 -3.01
N GLN A 368 -0.45 23.14 -4.17
CA GLN A 368 -1.85 22.79 -4.19
C GLN A 368 -2.18 22.05 -5.42
N TYR A 369 -2.75 20.85 -5.23
CA TYR A 369 -3.03 19.99 -6.32
C TYR A 369 -4.44 19.48 -6.37
N ARG A 370 -5.31 19.96 -5.50
CA ARG A 370 -6.74 19.58 -5.62
C ARG A 370 -7.53 20.71 -6.26
N ASP A 371 -7.43 21.93 -5.72
CA ASP A 371 -8.24 23.08 -6.24
C ASP A 371 -7.72 23.34 -7.64
N TYR A 372 -8.64 23.51 -8.60
CA TYR A 372 -8.31 23.58 -10.00
C TYR A 372 -8.96 24.83 -10.52
N TYR A 373 -8.19 25.89 -10.69
CA TYR A 373 -8.79 27.20 -10.99
C TYR A 373 -9.08 27.43 -12.44
N PHE A 374 -10.23 28.07 -12.75
CA PHE A 374 -10.58 28.31 -14.18
C PHE A 374 -9.59 29.24 -14.84
N ALA A 375 -8.95 30.07 -14.02
CA ALA A 375 -7.89 30.92 -14.46
C ALA A 375 -6.54 30.25 -14.70
N ALA A 376 -6.40 28.97 -14.33
CA ALA A 376 -5.18 28.28 -14.56
C ALA A 376 -4.86 28.29 -16.07
N ARG A 377 -3.57 28.48 -16.36
CA ARG A 377 -3.13 28.65 -17.73
C ARG A 377 -3.59 27.52 -18.60
N THR A 378 -3.58 26.29 -18.10
CA THR A 378 -4.01 25.17 -18.97
C THR A 378 -5.34 24.60 -18.57
N PHE A 379 -6.18 25.38 -17.94
CA PHE A 379 -7.46 24.88 -17.44
C PHE A 379 -8.22 24.19 -18.55
N ASP A 380 -8.64 22.95 -18.31
CA ASP A 380 -9.45 22.26 -19.26
C ASP A 380 -10.37 21.39 -18.40
N PRO A 381 -11.70 21.56 -18.52
CA PRO A 381 -12.64 20.80 -17.66
C PRO A 381 -12.66 19.31 -17.91
N ARG A 382 -12.03 18.83 -18.98
CA ARG A 382 -11.90 17.40 -19.13
C ARG A 382 -10.97 16.80 -18.06
N ASN A 383 -10.15 17.64 -17.41
CA ASN A 383 -9.28 17.11 -16.34
C ASN A 383 -9.98 17.11 -15.00
N ALA A 384 -11.14 17.71 -14.96
CA ALA A 384 -11.82 17.91 -13.69
C ALA A 384 -12.68 16.72 -13.33
N ILE A 385 -12.98 16.68 -12.04
CA ILE A 385 -13.92 15.76 -11.42
C ILE A 385 -15.27 15.88 -12.08
N ARG A 386 -15.97 14.73 -12.20
CA ARG A 386 -17.42 14.71 -12.34
C ARG A 386 -17.97 13.87 -11.21
N LEU A 387 -18.99 14.38 -10.55
CA LEU A 387 -19.58 13.66 -9.40
C LEU A 387 -20.34 12.46 -9.99
N ALA A 388 -20.85 11.59 -9.11
CA ALA A 388 -21.61 10.41 -9.52
C ALA A 388 -22.75 10.82 -10.45
N ASP A 389 -23.33 11.99 -10.23
CA ASP A 389 -24.49 12.45 -11.05
C ASP A 389 -24.12 13.13 -12.37
N GLY A 390 -22.85 13.08 -12.74
CA GLY A 390 -22.38 13.70 -13.97
C GLY A 390 -21.94 15.16 -13.85
N THR A 391 -22.18 15.80 -12.73
CA THR A 391 -21.90 17.24 -12.70
C THR A 391 -20.43 17.52 -12.39
N MET A 392 -19.95 18.67 -12.83
CA MET A 392 -18.64 19.16 -12.45
C MET A 392 -18.83 20.19 -11.32
N PRO A 393 -18.24 19.94 -10.14
CA PRO A 393 -18.46 20.82 -9.03
C PRO A 393 -17.66 22.10 -9.21
N GLU A 394 -18.22 23.19 -8.75
CA GLU A 394 -17.56 24.50 -8.86
C GLU A 394 -17.87 25.32 -7.63
N HIS A 395 -17.03 26.33 -7.40
CA HIS A 395 -17.23 27.35 -6.38
C HIS A 395 -16.16 28.42 -6.58
N ALA A 396 -16.25 29.50 -5.83
CA ALA A 396 -15.36 30.66 -6.01
C ALA A 396 -14.99 31.20 -4.65
N MET A 397 -14.68 30.29 -3.73
CA MET A 397 -14.44 30.67 -2.36
C MET A 397 -13.07 31.32 -2.14
N TRP A 398 -12.01 30.70 -2.68
CA TRP A 398 -10.63 31.09 -2.33
C TRP A 398 -10.16 32.24 -3.15
N ALA A 399 -8.94 32.71 -2.84
CA ALA A 399 -8.37 33.93 -3.51
C ALA A 399 -8.40 33.86 -5.05
N GLY A 400 -8.11 32.69 -5.59
CA GLY A 400 -8.08 32.53 -7.04
C GLY A 400 -9.42 32.54 -7.78
N GLY A 401 -10.51 32.58 -7.02
CA GLY A 401 -11.81 32.73 -7.66
C GLY A 401 -12.32 31.38 -8.16
N ARG A 402 -13.08 31.41 -9.26
CA ARG A 402 -13.76 30.23 -9.75
C ARG A 402 -12.87 29.03 -9.94
N GLN A 403 -13.34 27.88 -9.40
CA GLN A 403 -12.60 26.63 -9.43
C GLN A 403 -13.51 25.44 -9.54
N THR A 404 -12.91 24.32 -9.92
CA THR A 404 -13.47 22.99 -9.77
C THR A 404 -12.38 22.21 -8.98
N TYR A 405 -12.39 20.87 -9.07
CA TYR A 405 -11.33 20.03 -8.52
C TYR A 405 -10.64 19.24 -9.65
N LEU A 406 -9.30 19.19 -9.58
CA LEU A 406 -8.51 18.32 -10.48
C LEU A 406 -8.72 16.86 -10.03
N CYS A 407 -9.03 15.94 -10.98
CA CYS A 407 -9.23 14.56 -10.61
C CYS A 407 -7.88 14.01 -10.15
N ALA A 408 -7.82 13.35 -8.99
CA ALA A 408 -6.56 12.94 -8.42
C ALA A 408 -5.83 11.90 -9.28
N GLU A 409 -6.54 11.20 -10.18
CA GLU A 409 -5.89 10.29 -11.13
C GLU A 409 -4.76 11.01 -11.92
N LEU A 410 -4.93 12.34 -12.07
CA LEU A 410 -4.05 13.19 -12.83
C LEU A 410 -3.07 14.00 -11.95
N ALA A 411 -3.35 14.11 -10.65
CA ALA A 411 -2.50 14.93 -9.83
C ALA A 411 -1.02 14.50 -9.87
N PRO A 412 -0.69 13.19 -9.78
CA PRO A 412 0.74 12.87 -9.83
C PRO A 412 1.37 13.39 -11.14
N ASP A 413 0.61 13.43 -12.23
CA ASP A 413 1.18 13.97 -13.50
C ASP A 413 1.62 15.45 -13.30
N TYR A 414 0.78 16.23 -12.63
CA TYR A 414 1.08 17.65 -12.41
C TYR A 414 2.17 17.87 -11.34
N VAL A 415 2.17 17.01 -10.31
CA VAL A 415 3.23 17.13 -9.33
C VAL A 415 4.57 16.83 -10.00
N ARG A 416 4.59 15.80 -10.84
CA ARG A 416 5.85 15.44 -11.48
C ARG A 416 6.35 16.57 -12.36
N ARG A 417 5.43 17.18 -13.07
CA ARG A 417 5.77 18.30 -13.96
C ARG A 417 6.28 19.49 -13.18
N ASN A 418 5.54 19.93 -12.17
CA ASN A 418 5.89 21.13 -11.50
C ASN A 418 7.18 21.04 -10.68
N PHE A 419 7.28 19.95 -9.96
CA PHE A 419 8.45 19.77 -9.13
C PHE A 419 9.70 19.53 -10.00
N SER A 420 9.53 18.94 -11.18
CA SER A 420 10.68 18.81 -12.01
C SER A 420 11.10 20.16 -12.53
N GLU A 421 10.15 21.07 -12.78
CA GLU A 421 10.51 22.42 -13.24
C GLU A 421 11.25 23.18 -12.16
N ILE A 422 10.76 23.11 -10.89
CA ILE A 422 11.42 23.77 -9.77
C ILE A 422 12.90 23.33 -9.69
N ALA A 423 13.15 22.02 -9.77
CA ALA A 423 14.51 21.45 -9.70
C ALA A 423 15.43 21.92 -10.82
N THR A 424 14.89 22.31 -11.96
CA THR A 424 15.77 22.76 -13.03
C THR A 424 16.41 24.07 -12.74
N HIS A 425 15.79 24.88 -11.88
CA HIS A 425 16.32 26.17 -11.46
C HIS A 425 17.28 26.10 -10.23
N GLY A 426 17.77 24.91 -9.93
CA GLY A 426 18.77 24.77 -8.88
C GLY A 426 18.23 24.87 -7.47
N ILE A 427 16.92 24.70 -7.33
CA ILE A 427 16.22 24.72 -6.05
C ILE A 427 16.03 23.30 -5.54
N VAL A 428 16.73 22.96 -4.46
CA VAL A 428 16.69 21.63 -3.87
C VAL A 428 15.89 21.73 -2.58
N LEU A 429 14.58 21.41 -2.69
CA LEU A 429 13.67 21.48 -1.55
C LEU A 429 14.06 20.44 -0.53
N ASP A 430 14.10 20.86 0.70
CA ASP A 430 14.09 19.90 1.81
C ASP A 430 12.79 19.19 2.02
N CYS A 431 11.69 19.94 1.87
CA CYS A 431 10.38 19.44 2.19
C CYS A 431 9.38 20.04 1.16
N ALA A 432 8.15 19.50 1.11
CA ALA A 432 7.07 20.11 0.36
C ALA A 432 5.78 19.95 1.12
N TYR A 433 4.93 20.95 0.94
CA TYR A 433 3.63 20.99 1.57
C TYR A 433 2.56 20.96 0.50
N LEU A 434 1.86 19.85 0.38
CA LEU A 434 0.73 19.75 -0.52
C LEU A 434 -0.53 20.02 0.30
N ASP A 435 -1.15 21.17 0.07
CA ASP A 435 -2.31 21.58 0.87
C ASP A 435 -3.48 20.66 0.67
N VAL A 436 -4.38 20.67 1.65
CA VAL A 436 -5.71 19.98 1.63
C VAL A 436 -5.73 18.46 1.67
N PHE A 437 -4.74 17.79 1.05
CA PHE A 437 -4.85 16.36 0.80
C PHE A 437 -5.23 15.55 2.02
N THR A 438 -4.62 15.86 3.15
CA THR A 438 -4.82 15.01 4.35
C THR A 438 -5.80 15.67 5.36
N CYS A 439 -6.54 16.64 4.91
CA CYS A 439 -7.63 17.27 5.72
C CYS A 439 -9.00 16.98 5.10
N ASN A 440 -9.15 17.28 3.80
CA ASN A 440 -10.42 17.10 3.10
C ASN A 440 -10.58 15.70 2.57
N GLU A 441 -11.83 15.33 2.28
CA GLU A 441 -12.17 13.99 1.83
C GLU A 441 -11.55 13.77 0.47
N GLY A 442 -11.43 12.49 0.15
CA GLY A 442 -11.03 12.05 -1.19
C GLY A 442 -12.28 12.23 -2.07
N ASP A 443 -12.07 12.72 -3.26
CA ASP A 443 -13.14 12.86 -4.23
C ASP A 443 -13.38 11.53 -4.95
N GLU A 444 -14.60 11.41 -5.47
CA GLU A 444 -14.88 10.35 -6.41
C GLU A 444 -15.19 11.01 -7.73
N CYS A 445 -14.94 10.29 -8.82
CA CYS A 445 -15.06 10.81 -10.17
C CYS A 445 -15.67 9.75 -11.09
N SER A 446 -16.66 10.18 -11.85
CA SER A 446 -17.37 9.28 -12.79
C SER A 446 -16.87 9.68 -14.18
N HIS A 447 -15.89 10.58 -14.29
CA HIS A 447 -15.50 11.03 -15.65
C HIS A 447 -14.91 9.78 -16.32
N PRO A 448 -15.44 9.37 -17.48
CA PRO A 448 -14.94 8.16 -18.16
C PRO A 448 -13.45 8.14 -18.52
N GLU A 449 -12.81 9.30 -18.75
CA GLU A 449 -11.39 9.34 -19.03
C GLU A 449 -10.55 9.15 -17.77
N HIS A 450 -11.16 9.29 -16.60
CA HIS A 450 -10.43 9.05 -15.37
C HIS A 450 -11.38 8.75 -14.22
N ARG A 451 -12.02 7.60 -14.24
CA ARG A 451 -12.98 7.26 -13.20
C ARG A 451 -12.22 6.94 -11.92
N MET A 452 -12.74 7.39 -10.81
CA MET A 452 -12.02 7.23 -9.61
C MET A 452 -12.91 7.04 -8.36
N THR A 453 -12.59 6.05 -7.54
CA THR A 453 -13.32 5.92 -6.28
C THR A 453 -12.65 6.78 -5.18
N ARG A 454 -13.34 7.02 -4.08
CA ARG A 454 -12.70 7.73 -2.97
C ARG A 454 -11.40 7.00 -2.54
N ARG A 455 -11.48 5.69 -2.47
CA ARG A 455 -10.34 4.87 -2.10
C ARG A 455 -9.18 5.16 -3.03
N GLU A 456 -9.43 5.10 -4.33
CA GLU A 456 -8.40 5.39 -5.31
C GLU A 456 -7.84 6.82 -5.20
N CYS A 457 -8.71 7.76 -4.84
CA CYS A 457 -8.29 9.15 -4.60
C CYS A 457 -7.26 9.21 -3.53
N TYR A 458 -7.48 8.52 -2.40
CA TYR A 458 -6.43 8.59 -1.34
C TYR A 458 -5.13 7.94 -1.87
N GLU A 459 -5.24 6.88 -2.66
CA GLU A 459 -4.05 6.24 -3.19
C GLU A 459 -3.29 7.18 -4.13
N ARG A 460 -4.01 7.96 -4.92
CA ARG A 460 -3.35 8.90 -5.82
C ARG A 460 -2.69 10.06 -5.04
N ARG A 461 -3.34 10.51 -3.99
CA ARG A 461 -2.74 11.57 -3.19
C ARG A 461 -1.43 11.00 -2.59
N ALA A 462 -1.49 9.75 -2.11
CA ALA A 462 -0.31 9.08 -1.61
C ALA A 462 0.79 8.94 -2.71
N GLU A 463 0.38 8.70 -3.96
CA GLU A 463 1.30 8.60 -5.06
C GLU A 463 2.05 9.98 -5.27
N CYS A 464 1.35 11.10 -5.08
CA CYS A 464 1.98 12.43 -5.04
C CYS A 464 3.06 12.55 -3.96
N PHE A 465 2.76 12.08 -2.74
CA PHE A 465 3.74 12.07 -1.67
C PHE A 465 4.93 11.17 -2.00
N GLU A 466 4.65 10.02 -2.64
CA GLU A 466 5.70 9.07 -2.92
C GLU A 466 6.68 9.64 -3.89
N TYR A 467 6.21 10.37 -4.88
CA TYR A 467 7.14 11.06 -5.77
C TYR A 467 8.15 11.92 -5.00
N LEU A 468 7.62 12.69 -4.07
CA LEU A 468 8.48 13.59 -3.31
C LEU A 468 9.50 12.77 -2.48
N LEU A 469 9.03 11.79 -1.74
CA LEU A 469 9.95 10.96 -0.93
C LEU A 469 11.06 10.32 -1.77
N ALA A 470 10.71 9.87 -2.97
CA ALA A 470 11.65 9.19 -3.81
C ALA A 470 12.71 10.14 -4.29
N HIS A 471 12.38 11.42 -4.33
CA HIS A 471 13.34 12.48 -4.68
C HIS A 471 14.01 13.12 -3.46
N GLY A 472 13.90 12.49 -2.31
CA GLY A 472 14.55 13.03 -1.07
C GLY A 472 13.86 14.25 -0.52
N ILE A 473 12.60 14.47 -0.87
CA ILE A 473 11.85 15.66 -0.34
C ILE A 473 10.79 15.17 0.63
N LEU A 474 10.87 15.62 1.87
CA LEU A 474 10.00 15.15 2.92
C LEU A 474 8.62 15.73 2.75
N THR A 475 7.63 14.86 2.95
CA THR A 475 6.25 15.19 2.67
C THR A 475 5.46 15.75 3.85
N SER A 476 4.63 16.71 3.54
CA SER A 476 3.69 17.28 4.49
C SER A 476 2.41 17.66 3.79
N SER A 477 1.33 17.72 4.57
CA SER A 477 0.03 18.14 4.11
C SER A 477 -0.71 18.73 5.33
N GLU A 478 -1.95 19.17 5.12
CA GLU A 478 -2.63 20.02 6.07
C GLU A 478 -2.78 19.43 7.47
N GLU A 479 -3.35 18.22 7.54
CA GLU A 479 -3.50 17.56 8.83
C GLU A 479 -3.01 16.11 8.65
N VAL A 480 -3.59 15.14 9.36
CA VAL A 480 -2.97 13.84 9.49
C VAL A 480 -3.91 12.64 9.31
N SER A 481 -5.00 12.87 8.59
CA SER A 481 -5.95 11.76 8.33
C SER A 481 -5.24 10.42 7.96
N ASP A 482 -5.51 9.31 8.66
CA ASP A 482 -4.47 8.24 8.76
C ASP A 482 -4.23 7.38 7.52
N TRP A 483 -5.04 7.59 6.48
CA TRP A 483 -4.75 6.99 5.17
C TRP A 483 -3.37 7.34 4.74
N ALA A 484 -2.91 8.55 5.12
CA ALA A 484 -1.65 9.08 4.66
C ALA A 484 -0.44 8.64 5.45
N VAL A 485 -0.65 7.95 6.57
CA VAL A 485 0.46 7.67 7.48
C VAL A 485 1.62 6.94 6.74
N PRO A 486 1.33 5.99 5.83
CA PRO A 486 2.50 5.40 5.16
C PRO A 486 3.38 6.35 4.35
N SER A 487 2.81 7.45 3.86
CA SER A 487 3.56 8.25 2.92
C SER A 487 3.79 9.67 3.44
N LEU A 488 3.37 9.94 4.68
CA LEU A 488 3.44 11.30 5.24
C LEU A 488 4.47 11.45 6.36
N VAL A 489 5.39 12.38 6.21
CA VAL A 489 6.42 12.60 7.23
C VAL A 489 5.89 13.61 8.27
N PHE A 490 5.28 14.70 7.79
CA PHE A 490 4.84 15.74 8.72
C PHE A 490 3.59 16.49 8.25
N CYS A 491 3.17 17.51 8.97
CA CYS A 491 1.88 18.15 8.67
C CYS A 491 2.00 19.60 9.02
N HIS A 492 0.97 20.38 8.66
CA HIS A 492 0.92 21.80 9.11
C HIS A 492 0.53 21.83 10.60
N TYR A 493 -0.22 20.80 11.02
CA TYR A 493 -0.62 20.56 12.42
C TYR A 493 -1.48 19.32 12.52
N ALA A 494 -1.66 18.87 13.76
CA ALA A 494 -2.58 17.80 14.05
C ALA A 494 -3.32 18.34 15.26
N PRO A 495 -4.08 19.40 15.05
CA PRO A 495 -4.58 20.22 16.15
C PRO A 495 -5.80 19.56 16.81
N TYR A 496 -6.11 20.05 18.01
CA TYR A 496 -7.34 19.63 18.71
C TYR A 496 -8.51 20.39 18.07
N ASP A 497 -9.69 19.79 18.05
CA ASP A 497 -10.85 20.47 17.41
C ASP A 497 -11.11 21.88 17.99
N PHE A 498 -10.89 22.06 19.30
CA PHE A 498 -11.15 23.37 19.91
C PHE A 498 -10.15 24.44 19.42
N GLN A 499 -8.98 24.01 18.93
CA GLN A 499 -8.03 24.94 18.35
C GLN A 499 -8.41 25.41 17.00
N MET A 500 -9.38 24.78 16.37
CA MET A 500 -9.91 25.21 15.08
C MET A 500 -11.23 26.04 15.17
N ARG A 501 -11.61 26.40 16.39
CA ARG A 501 -12.84 27.21 16.68
C ARG A 501 -12.45 28.33 17.62
N SER A 502 -13.29 29.34 17.70
CA SER A 502 -13.08 30.44 18.58
C SER A 502 -12.79 29.93 19.97
N PRO A 503 -11.83 30.55 20.66
CA PRO A 503 -11.67 30.13 22.05
C PRO A 503 -12.85 30.50 22.95
N ASP A 504 -13.83 31.29 22.46
CA ASP A 504 -15.07 31.53 23.17
C ASP A 504 -16.11 30.45 22.99
N ALA A 505 -16.01 29.66 21.92
CA ALA A 505 -16.97 28.56 21.69
C ALA A 505 -16.84 27.44 22.74
N PRO A 506 -17.97 27.00 23.33
CA PRO A 506 -17.94 25.82 24.22
C PRO A 506 -17.23 24.61 23.52
N ARG A 507 -16.38 23.92 24.23
CA ARG A 507 -15.76 22.69 23.68
C ARG A 507 -16.71 21.47 23.74
N HIS A 508 -16.35 20.45 22.99
CA HIS A 508 -17.20 19.28 22.84
C HIS A 508 -16.85 18.22 23.86
N GLY A 509 -15.78 18.45 24.64
CA GLY A 509 -15.30 17.40 25.53
C GLY A 509 -13.92 17.76 26.03
N ILE A 510 -13.25 16.76 26.62
CA ILE A 510 -11.92 16.88 27.15
C ILE A 510 -10.94 16.51 26.04
N PRO A 511 -9.96 17.38 25.80
CA PRO A 511 -8.97 17.05 24.82
C PRO A 511 -7.99 15.97 25.30
N VAL A 512 -7.83 14.92 24.46
CA VAL A 512 -6.84 13.88 24.71
C VAL A 512 -6.14 13.50 23.39
N PRO A 513 -4.87 13.14 23.47
CA PRO A 513 -4.04 12.98 22.28
C PRO A 513 -4.24 11.54 21.75
N LEU A 514 -5.45 11.28 21.29
CA LEU A 514 -5.78 9.96 20.73
C LEU A 514 -4.94 9.68 19.50
N TYR A 515 -4.82 10.65 18.59
CA TYR A 515 -4.01 10.41 17.39
C TYR A 515 -2.57 10.10 17.78
N ASN A 516 -1.98 10.92 18.65
CA ASN A 516 -0.59 10.66 19.02
C ASN A 516 -0.33 9.38 19.75
N LEU A 517 -1.32 8.93 20.53
CA LEU A 517 -1.22 7.61 21.22
C LEU A 517 -1.10 6.51 20.19
N VAL A 518 -1.60 6.75 18.98
CA VAL A 518 -1.43 5.72 17.95
C VAL A 518 -0.18 5.98 17.14
N TYR A 519 0.06 7.25 16.82
CA TYR A 519 1.00 7.56 15.73
C TYR A 519 2.07 8.57 16.02
N HIS A 520 2.27 8.94 17.28
CA HIS A 520 3.34 9.89 17.59
C HIS A 520 4.73 9.54 16.97
N ASP A 521 5.01 8.25 16.91
CA ASP A 521 6.29 7.85 16.33
C ASP A 521 6.23 7.62 14.83
N CYS A 522 5.13 8.02 14.16
CA CYS A 522 5.00 7.86 12.74
C CYS A 522 4.89 9.19 11.95
N VAL A 523 4.37 10.24 12.57
CA VAL A 523 4.18 11.51 11.85
C VAL A 523 4.61 12.64 12.76
N ILE A 524 5.53 13.47 12.27
CA ILE A 524 5.97 14.65 13.04
C ILE A 524 4.97 15.80 12.88
N GLN A 525 4.76 16.55 13.98
CA GLN A 525 3.71 17.59 13.99
C GLN A 525 4.13 18.86 14.72
N PRO A 526 3.95 20.03 14.09
CA PRO A 526 4.16 21.28 14.80
C PRO A 526 2.83 21.64 15.42
N TRP A 527 2.94 22.45 16.45
CA TRP A 527 1.85 22.81 17.32
C TRP A 527 1.76 24.32 17.47
N MET A 528 0.50 24.82 17.50
CA MET A 528 0.22 26.23 17.78
C MET A 528 0.81 26.68 19.09
N MET A 529 1.41 27.88 19.10
CA MET A 529 1.98 28.39 20.34
C MET A 529 1.17 29.60 20.89
N ASP A 530 -0.07 29.80 20.41
CA ASP A 530 -0.87 30.95 20.84
C ASP A 530 -1.14 30.93 22.33
N ARG A 531 -1.25 32.10 22.94
CA ARG A 531 -1.74 32.20 24.32
C ARG A 531 -3.12 32.87 24.23
N VAL A 532 -4.15 32.20 24.73
CA VAL A 532 -5.51 32.78 24.74
C VAL A 532 -5.63 33.65 26.00
N ALA A 533 -5.98 34.93 25.87
CA ALA A 533 -6.06 35.78 27.06
C ALA A 533 -7.23 35.29 27.88
N GLY A 534 -7.02 35.10 29.18
CA GLY A 534 -8.03 34.56 30.10
C GLY A 534 -8.19 33.07 29.98
N GLY A 535 -7.38 32.43 29.11
CA GLY A 535 -7.55 31.01 28.76
C GLY A 535 -6.27 30.24 28.61
N ASP A 536 -6.31 29.17 27.78
CA ASP A 536 -5.19 28.28 27.70
C ASP A 536 -4.02 28.85 26.94
N ASP A 537 -2.83 28.42 27.39
CA ASP A 537 -1.59 28.69 26.68
C ASP A 537 -1.36 27.42 25.81
N TYR A 538 -1.32 27.57 24.49
CA TYR A 538 -1.32 26.39 23.65
C TYR A 538 0.00 25.65 23.66
N MET A 539 1.04 26.28 24.18
CA MET A 539 2.32 25.59 24.42
C MET A 539 2.15 24.35 25.29
N LEU A 540 1.20 24.39 26.24
CA LEU A 540 0.97 23.24 27.12
C LEU A 540 0.56 22.02 26.28
N TYR A 541 -0.23 22.22 25.22
CA TYR A 541 -0.63 21.04 24.40
C TYR A 541 0.50 20.58 23.48
N ALA A 542 1.33 21.52 22.99
CA ALA A 542 2.55 21.08 22.22
C ALA A 542 3.40 20.16 23.06
N LEU A 543 3.57 20.52 24.35
CA LEU A 543 4.40 19.69 25.23
C LEU A 543 3.78 18.31 25.49
N LEU A 544 2.49 18.29 25.76
CA LEU A 544 1.80 16.99 26.06
C LEU A 544 1.86 16.07 24.85
N ASN A 545 1.97 16.69 23.65
CA ASN A 545 1.96 15.91 22.41
C ASN A 545 3.39 15.70 21.89
N GLY A 546 4.36 16.10 22.70
CA GLY A 546 5.76 15.95 22.33
C GLY A 546 5.96 16.42 20.90
N GLY A 547 5.50 17.66 20.61
CA GLY A 547 5.50 18.20 19.27
C GLY A 547 6.58 19.22 18.99
N ALA A 548 6.65 19.71 17.76
CA ALA A 548 7.53 20.84 17.46
C ALA A 548 6.70 22.13 17.66
N PRO A 549 7.34 23.30 17.94
CA PRO A 549 6.64 24.59 18.04
C PRO A 549 6.65 25.41 16.74
N TYR A 550 5.54 26.11 16.49
CA TYR A 550 5.58 27.25 15.57
C TYR A 550 6.22 28.47 16.23
N LEU A 551 7.22 29.02 15.58
CA LEU A 551 7.77 30.32 15.98
C LEU A 551 6.96 31.40 15.31
N ILE A 552 6.68 31.24 14.00
CA ILE A 552 5.77 32.17 13.27
C ILE A 552 4.80 31.33 12.46
N ARG A 553 3.48 31.60 12.62
CA ARG A 553 2.45 30.95 11.81
C ARG A 553 1.50 32.00 11.21
N ASP A 554 1.76 32.33 9.94
CA ASP A 554 0.92 33.28 9.22
C ASP A 554 -0.13 32.45 8.53
N ALA A 555 -1.32 32.47 9.15
CA ALA A 555 -2.51 31.76 8.67
C ALA A 555 -3.07 32.45 7.41
N ALA A 556 -3.40 31.58 6.45
CA ALA A 556 -3.76 31.99 5.08
C ALA A 556 -4.74 33.19 4.97
N TYR A 557 -5.95 33.04 5.47
CA TYR A 557 -6.87 34.19 5.32
C TYR A 557 -6.96 34.83 6.72
N ALA A 558 -6.94 36.17 6.75
CA ALA A 558 -6.74 37.00 8.00
C ALA A 558 -8.06 37.52 8.63
N THR A 572 9.02 38.26 19.88
CA THR A 572 9.91 37.22 19.28
C THR A 572 10.91 36.65 20.28
N GLU A 573 11.54 37.48 21.13
CA GLU A 573 12.60 37.01 22.07
C GLU A 573 11.97 36.05 23.09
N ASN A 574 10.74 36.38 23.46
CA ASN A 574 9.99 35.53 24.34
C ASN A 574 9.55 34.26 23.58
N ASP A 575 9.09 34.44 22.33
CA ASP A 575 8.61 33.30 21.54
C ASP A 575 9.77 32.34 21.35
N ILE A 576 10.95 32.87 21.03
CA ILE A 576 12.15 32.04 20.93
C ILE A 576 12.43 31.27 22.21
N GLU A 577 12.25 31.91 23.37
CA GLU A 577 12.49 31.17 24.60
C GLU A 577 11.50 30.06 24.74
N ARG A 578 10.23 30.32 24.37
CA ARG A 578 9.20 29.28 24.50
C ARG A 578 9.46 28.14 23.52
N CYS A 579 9.86 28.52 22.31
CA CYS A 579 10.11 27.51 21.31
C CYS A 579 11.26 26.60 21.70
N ALA A 580 12.29 27.16 22.34
CA ALA A 580 13.41 26.36 22.80
C ALA A 580 12.97 25.26 23.77
N VAL A 581 11.98 25.55 24.62
CA VAL A 581 11.54 24.55 25.62
C VAL A 581 10.90 23.38 24.90
N VAL A 582 9.97 23.73 24.02
CA VAL A 582 9.28 22.73 23.19
C VAL A 582 10.26 21.98 22.27
N ALA A 583 11.13 22.70 21.53
CA ALA A 583 12.06 22.01 20.61
C ALA A 583 13.06 21.11 21.34
N GLY A 584 13.41 21.46 22.57
CA GLY A 584 14.32 20.60 23.35
C GLY A 584 13.73 19.23 23.71
N LEU A 585 12.45 19.24 24.07
CA LEU A 585 11.73 17.96 24.32
C LEU A 585 11.63 17.20 23.00
N HIS A 586 11.20 17.91 21.94
CA HIS A 586 11.06 17.34 20.63
C HIS A 586 12.34 16.64 20.14
N ARG A 587 13.48 17.27 20.35
CA ARG A 587 14.77 16.70 19.96
C ARG A 587 14.92 15.32 20.59
N ARG A 588 14.40 15.17 21.79
CA ARG A 588 14.60 13.89 22.52
C ARG A 588 13.53 12.88 22.10
N VAL A 589 12.26 13.29 22.13
CA VAL A 589 11.13 12.31 21.99
C VAL A 589 10.36 12.33 20.68
N GLY A 590 10.78 13.17 19.72
CA GLY A 590 9.98 13.34 18.49
C GLY A 590 9.87 12.05 17.69
N MET A 591 10.78 11.10 17.88
CA MET A 591 10.58 9.82 17.16
C MET A 591 10.10 8.70 18.06
N GLN A 592 9.74 9.04 19.28
CA GLN A 592 9.34 7.98 20.25
C GLN A 592 7.85 7.74 20.30
N GLU A 593 7.45 6.52 20.58
CA GLU A 593 6.06 6.28 20.94
C GLU A 593 5.66 7.13 22.11
N LEU A 594 4.42 7.67 22.06
CA LEU A 594 3.75 8.25 23.21
C LEU A 594 3.05 7.06 23.88
N VAL A 595 3.63 6.52 24.95
CA VAL A 595 3.12 5.28 25.52
C VAL A 595 1.81 5.40 26.29
N ARG A 596 1.69 6.46 27.10
CA ARG A 596 0.59 6.66 28.04
C ARG A 596 0.19 8.10 28.06
N HIS A 597 -1.12 8.29 28.24
CA HIS A 597 -1.65 9.60 28.58
C HIS A 597 -2.77 9.42 29.63
N ASP A 598 -2.71 10.24 30.66
CA ASP A 598 -3.63 10.10 31.77
C ASP A 598 -4.05 11.45 32.22
N LEU A 599 -5.31 11.50 32.67
CA LEU A 599 -5.84 12.60 33.50
C LEU A 599 -5.45 12.33 34.94
N VAL A 600 -4.62 13.19 35.52
CA VAL A 600 -3.99 12.87 36.81
C VAL A 600 -5.01 12.99 37.91
N GLY A 601 -5.23 11.87 38.63
CA GLY A 601 -6.30 11.68 39.60
C GLY A 601 -7.69 11.83 39.04
N GLY A 602 -7.87 11.51 37.74
CA GLY A 602 -9.12 11.85 37.06
C GLY A 602 -9.47 13.31 36.84
N ASP A 603 -8.52 14.24 37.00
CA ASP A 603 -8.81 15.65 36.79
C ASP A 603 -8.53 15.98 35.31
N PRO A 604 -9.58 16.34 34.53
CA PRO A 604 -9.33 16.64 33.10
C PRO A 604 -8.33 17.79 32.88
N LEU A 605 -8.09 18.61 33.91
CA LEU A 605 -7.28 19.82 33.78
C LEU A 605 -5.84 19.63 34.29
N VAL A 606 -5.53 18.42 34.76
CA VAL A 606 -4.11 18.02 35.01
C VAL A 606 -3.81 16.74 34.20
N GLN A 607 -2.98 16.89 33.17
CA GLN A 607 -2.77 15.80 32.20
C GLN A 607 -1.30 15.40 32.18
N ARG A 608 -1.05 14.13 31.95
CA ARG A 608 0.31 13.65 31.93
C ARG A 608 0.55 12.67 30.81
N SER A 609 1.56 12.97 30.01
CA SER A 609 1.96 12.10 28.89
C SER A 609 3.26 11.47 29.23
N VAL A 610 3.46 10.22 28.82
CA VAL A 610 4.73 9.51 29.06
C VAL A 610 5.22 8.98 27.74
N PHE A 611 6.48 9.24 27.40
CA PHE A 611 7.05 8.72 26.14
C PHE A 611 7.81 7.41 26.39
N ALA A 612 8.23 6.77 25.30
CA ALA A 612 8.87 5.44 25.34
C ALA A 612 10.06 5.32 26.25
N ASP A 613 10.83 6.41 26.43
CA ASP A 613 12.01 6.36 27.26
C ASP A 613 11.71 6.76 28.75
N GLY A 614 10.41 6.88 29.07
CA GLY A 614 9.97 7.31 30.38
C GLY A 614 9.81 8.82 30.62
N THR A 615 10.17 9.68 29.69
CA THR A 615 10.01 11.15 29.88
C THR A 615 8.53 11.43 30.11
N ALA A 616 8.22 12.14 31.19
CA ALA A 616 6.84 12.39 31.59
C ALA A 616 6.58 13.85 31.53
N VAL A 617 5.51 14.26 30.86
CA VAL A 617 5.19 15.69 30.75
C VAL A 617 3.88 15.86 31.49
N THR A 618 3.88 16.70 32.52
CA THR A 618 2.65 17.06 33.26
C THR A 618 2.25 18.53 33.07
N CYS A 619 1.00 18.73 32.62
CA CYS A 619 0.49 20.03 32.37
C CYS A 619 -0.72 20.27 33.25
N ASP A 620 -0.62 21.36 34.02
CA ASP A 620 -1.68 21.71 34.96
C ASP A 620 -2.37 22.90 34.33
N PHE A 621 -3.63 22.70 33.95
CA PHE A 621 -4.39 23.77 33.27
C PHE A 621 -5.02 24.77 34.23
N HIS A 622 -5.15 24.39 35.51
CA HIS A 622 -5.53 25.34 36.60
C HIS A 622 -4.49 26.43 36.76
N ALA A 623 -3.24 26.02 36.87
CA ALA A 623 -2.06 26.90 37.06
C ALA A 623 -1.48 27.42 35.76
N GLN A 624 -1.81 26.74 34.64
CA GLN A 624 -1.24 27.06 33.34
C GLN A 624 0.28 26.82 33.42
N THR A 625 0.67 25.69 34.00
CA THR A 625 2.11 25.37 34.12
C THR A 625 2.44 23.97 33.61
N TYR A 626 3.73 23.75 33.34
CA TYR A 626 4.20 22.44 32.84
C TYR A 626 5.39 21.96 33.63
N GLU A 627 5.59 20.65 33.70
CA GLU A 627 6.77 20.08 34.29
C GLU A 627 7.22 18.87 33.49
N VAL A 628 8.52 18.78 33.28
CA VAL A 628 9.12 17.62 32.57
C VAL A 628 9.96 16.84 33.60
N ALA A 629 9.62 15.56 33.78
CA ALA A 629 10.32 14.67 34.69
C ALA A 629 10.29 13.24 34.12
N ALA A 630 10.44 12.20 34.95
CA ALA A 630 10.50 10.80 34.45
C ALA A 630 9.32 9.88 34.85
N MET B 1 0.73 9.30 -40.28
CA MET B 1 -0.05 10.44 -40.85
C MET B 1 -0.57 11.56 -39.88
N MET B 2 -0.49 11.36 -38.58
CA MET B 2 -0.68 12.41 -37.55
C MET B 2 0.56 12.39 -36.66
N GLN B 3 1.12 13.54 -36.30
CA GLN B 3 2.37 13.54 -35.52
C GLN B 3 2.35 14.54 -34.36
N PHE B 4 3.10 14.19 -33.31
CA PHE B 4 3.20 14.99 -32.10
C PHE B 4 4.68 15.03 -31.76
N THR B 5 5.24 16.23 -31.60
CA THR B 5 6.57 16.32 -31.07
C THR B 5 6.52 17.10 -29.76
N MET B 6 7.22 16.53 -28.77
CA MET B 6 7.28 17.14 -27.47
C MET B 6 8.45 16.57 -26.69
N SER B 7 9.21 17.50 -26.09
CA SER B 7 10.23 17.14 -25.08
C SER B 7 11.20 16.09 -25.60
N GLY B 8 11.47 16.17 -26.90
CA GLY B 8 12.46 15.31 -27.56
C GLY B 8 11.94 13.98 -28.04
N THR B 9 10.64 13.74 -27.89
CA THR B 9 10.02 12.55 -28.38
C THR B 9 9.16 12.92 -29.54
N MET B 10 9.10 12.05 -30.55
CA MET B 10 8.13 12.25 -31.60
C MET B 10 7.21 11.03 -31.60
N LEU B 11 5.91 11.27 -31.78
CA LEU B 11 4.93 10.18 -31.87
C LEU B 11 4.25 10.33 -33.22
N ARG B 12 4.05 9.23 -33.92
CA ARG B 12 3.33 9.24 -35.19
C ARG B 12 2.20 8.25 -35.12
N PHE B 13 1.02 8.59 -35.62
CA PHE B 13 -0.14 7.72 -35.48
C PHE B 13 -0.89 7.78 -36.78
N ASP B 14 -1.23 6.62 -37.30
CA ASP B 14 -1.91 6.54 -38.57
C ASP B 14 -3.37 6.24 -38.23
N GLU B 15 -4.27 7.12 -38.71
CA GLU B 15 -5.69 7.05 -38.35
C GLU B 15 -6.42 5.87 -38.95
N THR B 16 -5.94 5.38 -40.09
CA THR B 16 -6.62 4.25 -40.73
C THR B 16 -6.11 2.92 -40.16
N THR B 17 -4.80 2.74 -40.17
CA THR B 17 -4.22 1.51 -39.67
C THR B 17 -4.24 1.38 -38.14
N LEU B 18 -4.33 2.51 -37.43
CA LEU B 18 -4.15 2.57 -35.98
C LEU B 18 -2.74 2.22 -35.52
N ARG B 19 -1.80 2.10 -36.43
CA ARG B 19 -0.42 1.86 -36.04
C ARG B 19 0.23 3.15 -35.53
N PHE B 20 1.05 3.04 -34.49
CA PHE B 20 1.79 4.24 -34.04
C PHE B 20 3.26 3.95 -34.09
N SER B 21 4.07 5.00 -34.15
CA SER B 21 5.50 4.86 -34.10
C SER B 21 6.05 5.95 -33.13
N PHE B 22 7.26 5.74 -32.63
CA PHE B 22 7.93 6.79 -31.85
C PHE B 22 9.43 6.85 -31.94
N SER B 23 9.96 8.05 -31.68
CA SER B 23 11.35 8.39 -31.93
C SER B 23 11.93 9.25 -30.80
N ARG B 24 13.17 8.96 -30.48
CA ARG B 24 13.90 9.78 -29.51
C ARG B 24 15.39 9.52 -29.71
N ASP B 25 16.17 10.60 -29.60
CA ASP B 25 17.64 10.64 -29.73
C ASP B 25 18.09 10.00 -31.03
N GLY B 26 17.29 10.17 -32.07
CA GLY B 26 17.60 9.58 -33.34
C GLY B 26 17.25 8.13 -33.58
N ALA B 27 16.49 7.49 -32.71
CA ALA B 27 16.10 6.06 -32.88
C ALA B 27 14.60 6.02 -33.05
N THR B 28 14.12 5.25 -34.02
CA THR B 28 12.68 5.20 -34.28
C THR B 28 12.18 3.78 -34.12
N TRP B 29 11.08 3.62 -33.41
CA TRP B 29 10.51 2.28 -33.26
C TRP B 29 9.12 2.35 -33.87
N SER B 30 8.78 1.39 -34.75
CA SER B 30 7.43 1.32 -35.32
C SER B 30 6.65 0.06 -34.98
N GLY B 31 5.33 0.23 -34.85
CA GLY B 31 4.39 -0.89 -34.58
C GLY B 31 4.41 -1.86 -35.78
N CYS B 32 4.23 -3.15 -35.52
CA CYS B 32 4.34 -4.13 -36.58
C CYS B 32 3.33 -3.99 -37.70
N ASP B 33 3.84 -4.11 -38.94
CA ASP B 33 3.04 -4.13 -40.18
C ASP B 33 1.95 -5.20 -40.22
N GLY B 34 2.38 -6.44 -40.00
CA GLY B 34 1.48 -7.59 -39.97
C GLY B 34 0.41 -7.47 -38.90
N ILE B 35 0.75 -6.89 -37.75
CA ILE B 35 -0.04 -7.05 -36.52
C ILE B 35 -0.96 -5.88 -36.15
N GLU B 36 -2.27 -6.18 -36.21
CA GLU B 36 -3.40 -5.29 -35.91
C GLU B 36 -3.68 -5.27 -34.38
N PRO B 37 -4.08 -4.11 -33.78
CA PRO B 37 -4.69 -4.12 -32.42
C PRO B 37 -6.01 -4.91 -32.42
N GLN B 38 -6.18 -5.79 -31.44
CA GLN B 38 -7.22 -6.79 -31.48
C GLN B 38 -7.93 -6.99 -30.18
N LEU B 39 -9.16 -7.46 -30.33
CA LEU B 39 -10.03 -7.81 -29.25
C LEU B 39 -10.37 -9.28 -29.51
N THR B 40 -10.19 -10.17 -28.55
CA THR B 40 -10.58 -11.54 -28.82
C THR B 40 -11.79 -11.93 -28.01
N ARG B 41 -12.65 -12.77 -28.60
CA ARG B 41 -13.67 -13.51 -27.80
C ARG B 41 -13.75 -14.91 -28.35
N GLU B 42 -14.11 -15.86 -27.48
CA GLU B 42 -14.21 -17.29 -27.86
C GLU B 42 -12.92 -17.68 -28.60
N ASP B 43 -13.09 -18.17 -29.82
CA ASP B 43 -11.94 -18.67 -30.59
C ASP B 43 -11.46 -17.69 -31.67
N ARG B 44 -12.08 -16.49 -31.78
CA ARG B 44 -11.66 -15.55 -32.81
C ARG B 44 -11.72 -14.04 -32.54
N SER B 45 -10.58 -13.43 -32.82
CA SER B 45 -10.36 -12.00 -32.69
C SER B 45 -11.11 -11.06 -33.64
N PHE B 46 -11.35 -9.86 -33.13
CA PHE B 46 -11.94 -8.74 -33.84
C PHE B 46 -10.98 -7.56 -33.86
N SER B 47 -10.77 -6.95 -35.03
CA SER B 47 -9.83 -5.83 -35.14
C SER B 47 -10.47 -4.53 -34.63
N PHE B 48 -9.66 -3.68 -33.98
CA PHE B 48 -10.14 -2.36 -33.54
C PHE B 48 -10.68 -1.60 -34.77
N ALA B 49 -9.99 -1.73 -35.91
CA ALA B 49 -10.32 -0.94 -37.11
C ALA B 49 -11.65 -1.41 -37.76
N GLY B 50 -12.14 -2.54 -37.28
CA GLY B 50 -13.40 -3.12 -37.75
C GLY B 50 -14.62 -2.39 -37.23
N ALA B 51 -14.45 -1.54 -36.20
CA ALA B 51 -15.56 -0.78 -35.66
C ALA B 51 -16.27 0.08 -36.74
N ALA B 52 -17.59 0.12 -36.64
CA ALA B 52 -18.42 1.03 -37.46
C ALA B 52 -18.00 2.48 -37.33
N THR B 53 -17.55 2.89 -36.14
CA THR B 53 -17.11 4.26 -35.99
C THR B 53 -15.85 4.30 -35.24
N VAL B 54 -14.86 4.98 -35.80
CA VAL B 54 -13.65 5.30 -35.09
C VAL B 54 -13.43 6.79 -35.30
N THR B 55 -13.46 7.58 -34.25
CA THR B 55 -13.17 9.00 -34.39
C THR B 55 -11.92 9.33 -33.59
N HIS B 56 -11.30 10.42 -33.96
CA HIS B 56 -10.01 10.78 -33.40
C HIS B 56 -10.04 12.20 -33.02
N GLU B 57 -9.32 12.48 -31.94
CA GLU B 57 -9.17 13.86 -31.49
C GLU B 57 -7.70 14.12 -31.16
N ARG B 58 -7.12 15.17 -31.73
CA ARG B 58 -5.77 15.64 -31.33
C ARG B 58 -5.97 16.41 -30.00
N ILE B 59 -5.11 16.17 -29.04
CA ILE B 59 -5.32 16.71 -27.72
C ILE B 59 -4.07 17.47 -27.27
N GLU B 60 -4.26 18.54 -26.48
CA GLU B 60 -3.15 19.22 -25.86
C GLU B 60 -3.61 19.48 -24.44
N THR B 61 -2.87 19.04 -23.41
CA THR B 61 -3.22 19.23 -22.00
C THR B 61 -2.05 19.85 -21.29
N GLY B 62 -2.23 20.19 -20.02
CA GLY B 62 -1.13 20.78 -19.21
C GLY B 62 0.07 19.81 -19.11
N THR B 63 -0.18 18.51 -19.30
CA THR B 63 0.84 17.47 -19.02
C THR B 63 1.39 16.79 -20.23
N GLY B 64 0.69 16.94 -21.36
CA GLY B 64 1.12 16.26 -22.60
C GLY B 64 0.31 16.56 -23.85
N VAL B 65 0.64 15.82 -24.90
CA VAL B 65 0.01 15.96 -26.18
C VAL B 65 -0.17 14.61 -26.84
N GLY B 66 -1.28 14.47 -27.58
CA GLY B 66 -1.50 13.21 -28.26
C GLY B 66 -2.88 13.05 -28.85
N VAL B 67 -3.34 11.78 -28.92
CA VAL B 67 -4.51 11.49 -29.72
C VAL B 67 -5.41 10.50 -28.99
N ARG B 68 -6.68 10.87 -28.90
CA ARG B 68 -7.71 9.97 -28.38
C ARG B 68 -8.56 9.43 -29.51
N SER B 69 -8.83 8.12 -29.44
CA SER B 69 -9.57 7.41 -30.50
C SER B 69 -10.76 6.70 -29.87
N VAL B 70 -11.99 6.99 -30.35
CA VAL B 70 -13.20 6.39 -29.79
C VAL B 70 -13.69 5.32 -30.76
N PHE B 71 -13.77 4.08 -30.28
CA PHE B 71 -14.28 2.94 -31.08
C PHE B 71 -15.66 2.54 -30.62
N ALA B 72 -16.61 2.46 -31.55
CA ALA B 72 -17.93 1.96 -31.21
C ALA B 72 -18.61 1.29 -32.38
N GLY B 73 -19.72 0.63 -32.08
CA GLY B 73 -20.48 -0.05 -33.14
C GLY B 73 -19.66 -1.22 -33.72
N PHE B 74 -19.31 -2.16 -32.84
CA PHE B 74 -18.80 -3.41 -33.28
C PHE B 74 -19.95 -4.32 -33.75
N ALA B 75 -19.80 -4.90 -34.94
CA ALA B 75 -20.73 -5.87 -35.51
C ALA B 75 -21.33 -6.86 -34.48
N GLY B 76 -22.65 -6.87 -34.36
CA GLY B 76 -23.33 -7.76 -33.42
C GLY B 76 -22.71 -7.81 -32.02
N ALA B 77 -22.31 -6.66 -31.46
CA ALA B 77 -21.78 -6.57 -30.09
C ALA B 77 -22.01 -5.14 -29.64
N ASP B 78 -22.22 -4.93 -28.34
CA ASP B 78 -22.57 -3.61 -27.81
C ASP B 78 -21.39 -2.86 -27.10
N TYR B 79 -20.13 -3.24 -27.36
CA TYR B 79 -19.04 -2.59 -26.64
C TYR B 79 -18.46 -1.37 -27.35
N ALA B 80 -17.75 -0.60 -26.54
CA ALA B 80 -17.15 0.65 -26.93
C ALA B 80 -16.06 0.91 -25.94
N PHE B 81 -15.01 1.52 -26.45
CA PHE B 81 -13.86 1.93 -25.67
C PHE B 81 -13.14 3.02 -26.42
N GLU B 82 -12.20 3.63 -25.74
CA GLU B 82 -11.40 4.63 -26.37
C GLU B 82 -9.97 4.39 -25.97
N THR B 83 -9.03 4.93 -26.76
CA THR B 83 -7.60 4.80 -26.47
C THR B 83 -7.02 6.21 -26.47
N TYR B 84 -5.90 6.39 -25.77
CA TYR B 84 -5.24 7.70 -25.63
C TYR B 84 -3.75 7.39 -25.69
N ILE B 85 -3.07 7.98 -26.66
CA ILE B 85 -1.66 7.71 -26.83
C ILE B 85 -1.06 9.09 -26.77
N TRP B 86 -0.16 9.32 -25.80
CA TRP B 86 0.32 10.67 -25.60
C TRP B 86 1.75 10.76 -25.12
N ILE B 87 2.37 11.90 -25.42
CA ILE B 87 3.71 12.20 -24.88
C ILE B 87 3.57 13.04 -23.60
N GLU B 88 4.22 12.58 -22.53
CA GLU B 88 4.35 13.35 -21.31
C GLU B 88 5.43 14.44 -21.45
N ARG B 89 5.00 15.70 -21.37
CA ARG B 89 5.84 16.88 -21.40
C ARG B 89 6.98 16.76 -20.43
N SER B 90 6.72 16.37 -19.21
CA SER B 90 7.76 16.46 -18.17
C SER B 90 8.89 15.39 -18.35
N SER B 91 8.64 14.37 -19.16
CA SER B 91 9.59 13.25 -19.29
C SER B 91 9.90 12.80 -20.68
N GLY B 92 9.04 13.02 -21.69
CA GLY B 92 9.31 12.37 -23.01
C GLY B 92 8.74 10.98 -23.15
N ASP B 93 8.16 10.44 -22.06
CA ASP B 93 7.58 9.08 -22.09
C ASP B 93 6.35 9.13 -22.98
N VAL B 94 5.94 7.96 -23.44
CA VAL B 94 4.75 7.80 -24.27
C VAL B 94 3.85 6.93 -23.42
N LEU B 95 2.64 7.39 -23.21
CA LEU B 95 1.68 6.63 -22.44
C LEU B 95 0.58 6.13 -23.36
N CYS B 96 0.18 4.88 -23.17
CA CYS B 96 -0.91 4.31 -23.98
C CYS B 96 -1.99 3.84 -23.01
N GLU B 97 -3.20 4.40 -23.10
CA GLU B 97 -4.35 3.99 -22.27
C GLU B 97 -5.40 3.40 -23.14
N TRP B 98 -5.92 2.29 -22.64
CA TRP B 98 -7.09 1.66 -23.18
C TRP B 98 -8.22 1.79 -22.16
N VAL B 99 -9.30 2.47 -22.55
CA VAL B 99 -10.32 2.95 -21.61
C VAL B 99 -11.68 2.34 -21.99
N PRO B 100 -12.21 1.47 -21.13
CA PRO B 100 -13.53 0.91 -21.43
C PRO B 100 -14.62 1.95 -21.20
N LEU B 101 -15.63 1.91 -22.05
CA LEU B 101 -16.76 2.88 -21.99
C LEU B 101 -18.12 2.20 -21.80
N ARG B 102 -18.27 1.07 -22.46
CA ARG B 102 -19.56 0.42 -22.51
C ARG B 102 -19.35 -1.03 -22.86
N GLU B 103 -20.04 -1.89 -22.10
CA GLU B 103 -19.81 -3.33 -22.12
C GLU B 103 -21.16 -4.08 -21.99
N ILE B 110 -15.86 -10.91 -24.68
CA ILE B 110 -14.56 -10.23 -24.59
C ILE B 110 -13.55 -10.83 -23.55
N ASP B 111 -12.52 -11.54 -24.03
CA ASP B 111 -11.61 -12.25 -23.12
C ASP B 111 -10.22 -11.69 -23.14
N ARG B 112 -9.86 -11.01 -24.20
CA ARG B 112 -8.51 -10.45 -24.24
C ARG B 112 -8.47 -9.25 -25.13
N VAL B 113 -7.69 -8.26 -24.71
CA VAL B 113 -7.40 -7.12 -25.53
C VAL B 113 -5.91 -7.22 -25.77
N LEU B 114 -5.50 -7.33 -27.02
CA LEU B 114 -4.07 -7.34 -27.40
C LEU B 114 -3.69 -5.99 -27.96
N TRP B 115 -3.20 -5.13 -27.06
CA TRP B 115 -2.91 -3.74 -27.40
C TRP B 115 -1.99 -3.20 -26.29
N PRO B 116 -1.06 -2.29 -26.59
CA PRO B 116 -0.70 -1.81 -27.92
C PRO B 116 -0.09 -2.97 -28.74
N ALA B 117 -0.04 -2.79 -30.06
CA ALA B 117 0.50 -3.85 -30.93
C ALA B 117 2.01 -4.00 -30.63
N PRO B 118 2.61 -5.17 -30.91
CA PRO B 118 4.06 -5.21 -30.70
C PRO B 118 4.85 -4.27 -31.64
N LEU B 119 6.01 -3.82 -31.15
CA LEU B 119 6.89 -3.05 -32.01
C LEU B 119 7.79 -3.96 -32.89
N SER B 120 8.27 -3.41 -34.00
CA SER B 120 9.07 -4.15 -34.97
C SER B 120 10.42 -4.31 -34.30
N PHE B 121 10.96 -5.51 -34.37
CA PHE B 121 12.30 -5.81 -33.79
C PHE B 121 12.80 -7.04 -34.55
N ASP B 122 13.10 -6.79 -35.81
CA ASP B 122 13.20 -7.88 -36.76
C ASP B 122 14.56 -7.76 -37.49
N ARG B 123 15.50 -7.04 -36.87
CA ARG B 123 16.73 -6.59 -37.56
C ARG B 123 17.96 -7.50 -37.53
N ALA B 124 17.85 -8.69 -36.93
CA ALA B 124 18.92 -9.73 -37.01
C ALA B 124 20.37 -9.13 -36.85
N ASP B 125 20.62 -8.52 -35.67
CA ASP B 125 21.88 -7.85 -35.41
C ASP B 125 22.60 -8.69 -34.38
N ALA B 126 21.98 -9.86 -34.12
CA ALA B 126 22.49 -10.86 -33.17
C ALA B 126 22.81 -10.36 -31.74
N HIS B 127 23.15 -9.08 -31.59
CA HIS B 127 23.24 -8.43 -30.27
C HIS B 127 22.00 -7.59 -30.03
N ASP B 128 21.07 -7.65 -30.96
CA ASP B 128 19.72 -7.13 -30.71
C ASP B 128 19.03 -8.14 -29.79
N VAL B 129 18.50 -7.68 -28.64
CA VAL B 129 17.99 -8.62 -27.63
C VAL B 129 16.64 -8.12 -27.05
N THR B 130 15.95 -9.05 -26.40
CA THR B 130 14.64 -8.82 -25.82
C THR B 130 14.78 -9.33 -24.39
N LEU B 131 14.28 -8.51 -23.45
CA LEU B 131 14.35 -8.81 -22.05
C LEU B 131 12.94 -9.11 -21.58
N ILE B 132 12.79 -10.29 -21.00
CA ILE B 132 11.55 -10.68 -20.34
C ILE B 132 11.81 -11.11 -18.92
N THR B 133 10.79 -10.93 -18.08
CA THR B 133 10.89 -11.08 -16.62
C THR B 133 10.32 -12.44 -16.23
N HIS B 134 10.41 -13.40 -17.17
CA HIS B 134 10.01 -14.76 -16.91
C HIS B 134 11.03 -15.33 -15.97
N GLU B 135 10.64 -15.39 -14.70
CA GLU B 135 11.53 -15.71 -13.60
C GLU B 135 12.75 -14.76 -13.50
N GLN B 136 13.86 -15.18 -12.89
CA GLN B 136 14.93 -14.23 -12.59
C GLN B 136 15.27 -13.31 -13.74
N GLY B 137 15.47 -13.86 -14.96
CA GLY B 137 15.71 -12.96 -16.11
C GLY B 137 16.13 -13.72 -17.36
N VAL B 138 15.66 -13.28 -18.52
CA VAL B 138 16.03 -13.91 -19.79
C VAL B 138 16.35 -12.79 -20.79
N MET B 139 17.52 -12.89 -21.41
CA MET B 139 17.89 -11.97 -22.50
C MET B 139 17.96 -12.73 -23.81
N ILE B 140 17.09 -12.39 -24.74
CA ILE B 140 16.87 -13.21 -25.99
C ILE B 140 17.41 -12.51 -27.24
N PRO B 141 18.55 -13.00 -27.76
CA PRO B 141 19.01 -12.46 -29.03
C PRO B 141 18.05 -12.81 -30.17
N ASN B 142 17.95 -11.87 -31.08
CA ASN B 142 17.20 -12.09 -32.27
C ASN B 142 17.59 -13.37 -33.01
N SER B 143 18.87 -13.74 -32.96
CA SER B 143 19.37 -14.99 -33.59
C SER B 143 19.14 -16.27 -32.77
N TRP B 144 18.59 -16.15 -31.56
CA TRP B 144 18.52 -17.27 -30.66
C TRP B 144 17.89 -18.46 -31.33
N PRO B 145 18.58 -19.62 -31.35
CA PRO B 145 18.11 -20.76 -32.16
C PRO B 145 16.87 -21.51 -31.60
N THR B 146 16.61 -21.41 -30.29
CA THR B 146 15.41 -22.05 -29.68
C THR B 146 14.19 -21.14 -29.83
N GLU B 147 13.07 -21.73 -30.21
CA GLU B 147 11.81 -20.98 -30.27
C GLU B 147 11.34 -20.59 -28.86
N VAL B 148 10.87 -19.35 -28.72
CA VAL B 148 10.25 -18.88 -27.48
C VAL B 148 8.89 -18.30 -27.81
N GLY B 149 7.82 -18.95 -27.35
CA GLY B 149 6.41 -18.45 -27.49
C GLY B 149 5.74 -18.40 -26.10
N THR B 150 4.63 -17.69 -26.02
CA THR B 150 3.89 -17.62 -24.72
C THR B 150 3.50 -18.97 -24.10
N ASP B 151 3.17 -19.94 -24.94
CA ASP B 151 2.81 -21.24 -24.37
C ASP B 151 4.02 -21.89 -23.71
N ALA B 152 5.23 -21.38 -23.91
CA ALA B 152 6.39 -21.92 -23.19
C ALA B 152 6.80 -21.06 -21.97
N VAL B 153 6.03 -20.05 -21.63
CA VAL B 153 6.31 -19.15 -20.48
C VAL B 153 5.33 -19.50 -19.37
N SER B 154 5.81 -19.60 -18.12
CA SER B 154 4.97 -19.99 -17.01
C SER B 154 3.77 -19.05 -16.93
N PHE B 155 2.61 -19.61 -16.60
CA PHE B 155 1.38 -18.84 -16.41
C PHE B 155 1.03 -17.96 -17.62
N GLY B 156 1.34 -18.43 -18.82
CA GLY B 156 1.10 -17.68 -20.04
C GLY B 156 1.57 -16.22 -20.05
N GLY B 157 2.64 -15.93 -19.36
CA GLY B 157 3.22 -14.58 -19.33
C GLY B 157 2.44 -13.60 -18.47
N ARG B 158 1.59 -14.08 -17.58
CA ARG B 158 0.89 -13.21 -16.60
C ARG B 158 1.86 -12.38 -15.81
N PHE B 159 1.61 -11.06 -15.68
CA PHE B 159 2.33 -10.28 -14.64
C PHE B 159 1.92 -10.70 -13.25
N GLU B 160 2.73 -10.39 -12.25
CA GLU B 160 2.45 -10.86 -10.88
C GLU B 160 2.49 -12.35 -10.67
N THR B 161 3.23 -13.07 -11.53
CA THR B 161 3.46 -14.50 -11.31
C THR B 161 4.90 -14.82 -11.73
N ALA B 162 5.28 -16.09 -11.59
CA ALA B 162 6.61 -16.51 -12.06
C ALA B 162 6.79 -16.25 -13.53
N GLY B 163 5.69 -16.16 -14.31
CA GLY B 163 5.77 -15.76 -15.74
C GLY B 163 6.20 -14.34 -16.02
N GLY B 164 6.07 -13.47 -15.03
CA GLY B 164 6.44 -12.04 -15.21
C GLY B 164 6.63 -11.46 -13.82
N TYR B 165 7.81 -11.70 -13.25
CA TYR B 165 8.17 -11.22 -11.91
C TYR B 165 7.94 -9.73 -11.74
N MET B 166 8.18 -8.98 -12.82
CA MET B 166 7.94 -7.55 -12.87
C MET B 166 7.13 -7.21 -14.13
N PRO B 167 6.23 -6.20 -14.03
CA PRO B 167 5.35 -5.85 -15.14
C PRO B 167 6.01 -4.99 -16.23
N TRP B 168 7.00 -5.58 -16.90
CA TRP B 168 7.59 -4.89 -18.02
C TRP B 168 8.32 -5.89 -18.94
N PHE B 169 8.53 -5.43 -20.16
CA PHE B 169 9.48 -6.06 -21.09
C PHE B 169 10.25 -4.95 -21.77
N ALA B 170 11.37 -5.32 -22.39
CA ALA B 170 12.19 -4.33 -23.04
C ALA B 170 12.90 -4.92 -24.26
N GLN B 171 13.23 -4.07 -25.23
CA GLN B 171 14.10 -4.50 -26.35
C GLN B 171 15.20 -3.47 -26.52
N LEU B 172 16.38 -4.00 -26.83
CA LEU B 172 17.62 -3.27 -26.85
C LEU B 172 18.39 -3.58 -28.13
N ARG B 173 18.53 -2.58 -28.98
CA ARG B 173 19.32 -2.71 -30.19
C ARG B 173 20.81 -2.73 -29.79
N SER B 174 21.67 -3.31 -30.65
CA SER B 174 23.10 -3.37 -30.35
C SER B 174 23.72 -1.98 -30.31
N ASP B 175 23.00 -1.04 -30.91
CA ASP B 175 23.05 0.40 -30.82
C ASP B 175 23.19 1.09 -29.49
N GLY B 176 22.74 0.41 -28.45
CA GLY B 176 22.45 1.03 -27.19
C GLY B 176 21.11 1.76 -27.14
N HIS B 177 20.30 1.64 -28.16
CA HIS B 177 18.98 2.26 -28.16
C HIS B 177 17.97 1.20 -27.74
N ALA B 178 17.11 1.55 -26.79
CA ALA B 178 16.20 0.55 -26.23
C ALA B 178 14.83 1.18 -25.99
N TYR B 179 13.83 0.35 -25.71
CA TYR B 179 12.66 0.87 -25.00
C TYR B 179 12.34 -0.11 -23.92
N ILE B 180 11.71 0.40 -22.86
CA ILE B 180 11.05 -0.43 -21.84
C ILE B 180 9.53 -0.08 -21.85
N ALA B 181 8.68 -1.09 -21.78
CA ALA B 181 7.21 -0.96 -21.73
C ALA B 181 6.84 -1.43 -20.35
N ILE B 182 6.29 -0.50 -19.56
CA ILE B 182 5.96 -0.80 -18.17
C ILE B 182 4.45 -0.84 -18.12
N CYS B 183 3.94 -1.95 -17.66
CA CYS B 183 2.50 -2.09 -17.44
C CYS B 183 2.15 -1.44 -16.14
N GLU B 184 1.50 -0.29 -16.21
CA GLU B 184 1.15 0.45 -14.98
C GLU B 184 -0.08 -0.16 -14.32
N THR B 185 -0.77 -1.04 -15.00
CA THR B 185 -2.03 -1.61 -14.47
C THR B 185 -1.96 -3.13 -14.60
N PRO B 186 -1.18 -3.79 -13.71
CA PRO B 186 -0.71 -5.14 -14.12
C PRO B 186 -1.60 -6.33 -13.68
N TRP B 187 -2.60 -6.05 -12.84
CA TRP B 187 -3.28 -7.12 -12.04
C TRP B 187 -4.15 -8.00 -12.90
N ASN B 188 -4.55 -7.54 -14.09
CA ASN B 188 -5.36 -8.37 -15.03
C ASN B 188 -4.65 -8.33 -16.40
N ALA B 189 -3.34 -8.66 -16.39
CA ALA B 189 -2.51 -8.38 -17.55
C ALA B 189 -1.28 -9.28 -17.61
N GLY B 190 -0.66 -9.24 -18.78
CA GLY B 190 0.57 -9.99 -19.02
C GLY B 190 1.18 -9.63 -20.36
N TYR B 191 2.19 -10.41 -20.77
CA TYR B 191 2.83 -10.24 -22.07
C TYR B 191 2.76 -11.55 -22.86
N ASP B 192 2.69 -11.35 -24.18
CA ASP B 192 2.93 -12.39 -25.23
C ASP B 192 4.35 -12.25 -25.80
N ILE B 193 4.96 -13.35 -26.18
CA ILE B 193 6.18 -13.27 -26.92
C ILE B 193 6.07 -14.26 -28.07
N ASP B 194 6.52 -13.82 -29.23
CA ASP B 194 6.70 -14.68 -30.40
C ASP B 194 8.16 -14.55 -30.91
N HIS B 195 8.99 -15.52 -30.58
CA HIS B 195 10.33 -15.56 -31.17
C HIS B 195 10.45 -16.92 -31.86
N PRO B 196 10.49 -16.89 -33.20
CA PRO B 196 10.72 -18.20 -33.84
C PRO B 196 12.17 -18.62 -33.64
N ALA B 197 12.41 -19.93 -33.61
CA ALA B 197 13.76 -20.46 -33.74
C ALA B 197 14.21 -20.07 -35.14
N GLY B 198 15.43 -19.60 -35.37
CA GLY B 198 16.20 -18.74 -34.59
C GLY B 198 16.09 -17.41 -35.29
N GLY B 199 14.96 -16.72 -35.08
CA GLY B 199 14.78 -15.38 -35.59
C GLY B 199 13.94 -15.38 -36.86
N PRO B 200 14.10 -14.34 -37.67
CA PRO B 200 15.03 -13.28 -37.36
C PRO B 200 14.48 -12.20 -36.37
N TYR B 201 13.30 -12.43 -35.79
CA TYR B 201 12.70 -11.38 -35.00
C TYR B 201 12.24 -11.89 -33.63
N THR B 202 11.95 -10.94 -32.74
CA THR B 202 11.20 -11.24 -31.53
C THR B 202 10.11 -10.17 -31.33
N HIS B 203 8.86 -10.60 -31.20
CA HIS B 203 7.81 -9.60 -30.91
C HIS B 203 7.30 -9.79 -29.51
N VAL B 204 7.15 -8.68 -28.76
CA VAL B 204 6.56 -8.80 -27.44
C VAL B 204 5.42 -7.81 -27.37
N GLY B 205 4.30 -8.23 -26.79
CA GLY B 205 3.12 -7.32 -26.67
C GLY B 205 2.37 -7.51 -25.37
N MET B 206 1.74 -6.45 -24.88
CA MET B 206 0.89 -6.59 -23.72
C MET B 206 -0.40 -7.31 -24.07
N TRP B 207 -0.90 -8.05 -23.11
CA TRP B 207 -2.33 -8.49 -23.16
C TRP B 207 -3.02 -8.05 -21.90
N PHE B 208 -4.28 -7.67 -22.03
CA PHE B 208 -5.11 -7.37 -20.88
C PHE B 208 -6.35 -8.26 -20.89
N GLU B 209 -6.70 -8.81 -19.74
CA GLU B 209 -7.95 -9.57 -19.54
C GLU B 209 -9.01 -8.78 -18.72
N PRO B 210 -10.29 -9.20 -18.81
CA PRO B 210 -11.28 -8.55 -17.96
C PRO B 210 -11.14 -8.95 -16.50
N SER B 211 -11.75 -8.15 -15.64
CA SER B 211 -11.77 -8.37 -14.24
C SER B 211 -13.20 -8.66 -13.92
N LEU B 212 -13.41 -9.84 -13.34
CA LEU B 212 -14.75 -10.38 -13.11
C LEU B 212 -15.70 -10.17 -14.27
N GLY B 213 -15.25 -10.50 -15.47
CA GLY B 213 -16.10 -10.46 -16.66
C GLY B 213 -16.25 -9.12 -17.36
N ARG B 214 -15.69 -8.05 -16.82
CA ARG B 214 -15.74 -6.72 -17.48
C ARG B 214 -14.37 -6.11 -17.54
N MET B 215 -14.08 -5.35 -18.61
CA MET B 215 -12.74 -4.71 -18.70
C MET B 215 -12.57 -3.70 -17.57
N ASP B 216 -13.67 -3.11 -17.15
CA ASP B 216 -13.80 -2.34 -15.90
C ASP B 216 -12.94 -1.09 -15.77
N TYR B 217 -11.63 -1.22 -15.66
CA TYR B 217 -10.78 -0.04 -15.43
C TYR B 217 -9.80 0.19 -16.58
N ARG B 218 -9.33 1.44 -16.68
CA ARG B 218 -8.33 1.85 -17.72
C ARG B 218 -7.08 1.02 -17.58
N ARG B 219 -6.55 0.54 -18.71
CA ARG B 219 -5.31 -0.22 -18.74
C ARG B 219 -4.28 0.71 -19.34
N VAL B 220 -3.11 0.79 -18.72
CA VAL B 220 -2.18 1.85 -19.10
C VAL B 220 -0.76 1.26 -19.22
N VAL B 221 -0.07 1.57 -20.32
CA VAL B 221 1.30 1.17 -20.55
C VAL B 221 2.17 2.43 -20.77
N ARG B 222 3.29 2.49 -20.06
CA ARG B 222 4.21 3.61 -20.16
C ARG B 222 5.49 3.17 -20.89
N TYR B 223 5.82 3.82 -22.00
CA TYR B 223 7.06 3.50 -22.74
C TYR B 223 8.09 4.58 -22.43
N ARG B 224 9.33 4.14 -22.13
CA ARG B 224 10.44 5.05 -22.04
C ARG B 224 11.48 4.62 -23.04
N LEU B 225 11.85 5.52 -23.97
CA LEU B 225 12.90 5.24 -24.98
C LEU B 225 14.21 5.68 -24.38
N LEU B 226 15.20 4.81 -24.44
CA LEU B 226 16.50 5.06 -23.80
C LEU B 226 17.60 4.98 -24.84
N ASP B 227 18.64 5.78 -24.63
CA ASP B 227 19.89 5.60 -25.41
C ASP B 227 21.08 5.30 -24.50
N HIS B 228 22.21 4.85 -25.10
CA HIS B 228 23.39 4.41 -24.34
C HIS B 228 22.97 3.43 -23.27
N ALA B 229 22.04 2.57 -23.62
CA ALA B 229 21.49 1.70 -22.64
C ALA B 229 22.06 0.28 -22.75
N ASP B 230 22.11 -0.40 -21.60
CA ASP B 230 22.36 -1.83 -21.54
C ASP B 230 21.32 -2.44 -20.61
N HIS B 231 21.35 -3.75 -20.46
CA HIS B 231 20.36 -4.38 -19.58
C HIS B 231 20.37 -3.86 -18.12
N THR B 232 21.53 -3.47 -17.60
CA THR B 232 21.56 -2.83 -16.27
C THR B 232 20.71 -1.54 -16.25
N ALA B 233 20.94 -0.67 -17.24
CA ALA B 233 20.24 0.60 -17.33
C ALA B 233 18.75 0.49 -17.50
N ILE B 234 18.33 -0.44 -18.36
CA ILE B 234 16.88 -0.71 -18.46
C ILE B 234 16.24 -1.07 -17.10
N CYS B 235 16.87 -1.97 -16.36
CA CYS B 235 16.40 -2.42 -15.09
C CYS B 235 16.34 -1.30 -14.07
N LYS B 236 17.37 -0.44 -14.06
CA LYS B 236 17.38 0.77 -13.21
C LYS B 236 16.22 1.73 -13.56
N THR B 237 15.82 1.83 -14.83
CA THR B 237 14.55 2.62 -15.12
C THR B 237 13.31 2.10 -14.38
N TYR B 238 13.15 0.78 -14.36
CA TYR B 238 12.01 0.19 -13.65
C TYR B 238 12.13 0.38 -12.14
N ARG B 239 13.35 0.23 -11.64
CA ARG B 239 13.57 0.42 -10.20
C ARG B 239 13.19 1.85 -9.75
N ALA B 240 13.61 2.84 -10.54
CA ALA B 240 13.26 4.23 -10.30
C ALA B 240 11.73 4.45 -10.33
N TYR B 241 11.08 3.77 -11.28
CA TYR B 241 9.61 3.82 -11.42
C TYR B 241 8.94 3.30 -10.15
N VAL B 242 9.45 2.19 -9.63
CA VAL B 242 8.87 1.53 -8.49
C VAL B 242 9.12 2.44 -7.29
N ASN B 243 10.36 2.94 -7.14
CA ASN B 243 10.64 3.81 -6.01
C ASN B 243 9.80 5.11 -6.02
N GLU B 244 9.63 5.69 -7.19
CA GLU B 244 8.82 6.93 -7.33
C GLU B 244 7.40 6.71 -6.86
N ARG B 245 6.95 5.44 -6.90
CA ARG B 245 5.58 5.08 -6.48
C ARG B 245 5.52 4.46 -5.10
N GLY B 246 6.66 4.49 -4.40
CA GLY B 246 6.72 4.02 -3.02
C GLY B 246 6.73 2.52 -2.74
N ARG B 247 7.05 1.73 -3.74
CA ARG B 247 6.98 0.28 -3.60
C ARG B 247 8.37 -0.36 -3.63
N LEU B 248 9.40 0.44 -3.59
CA LEU B 248 10.78 -0.14 -3.51
C LEU B 248 11.13 -0.29 -2.04
N ARG B 249 10.54 -1.30 -1.39
CA ARG B 249 10.71 -1.45 0.08
C ARG B 249 11.97 -2.24 0.41
N THR B 250 13.01 -1.51 0.83
CA THR B 250 14.33 -2.10 1.04
C THR B 250 14.38 -2.94 2.31
N LEU B 251 15.32 -3.90 2.29
CA LEU B 251 15.61 -4.67 3.49
C LEU B 251 16.01 -3.78 4.67
N ALA B 252 16.68 -2.68 4.40
CA ALA B 252 16.95 -1.73 5.49
C ALA B 252 15.65 -1.18 6.11
N GLU B 253 14.67 -0.85 5.28
CA GLU B 253 13.42 -0.35 5.80
C GLU B 253 12.64 -1.45 6.56
N LYS B 254 12.66 -2.68 6.03
CA LYS B 254 12.05 -3.81 6.70
C LYS B 254 12.73 -4.02 8.06
N ALA B 255 14.06 -3.87 8.09
CA ALA B 255 14.89 -4.14 9.29
C ALA B 255 14.71 -3.08 10.36
N ALA B 256 14.31 -1.87 9.95
CA ALA B 256 14.00 -0.79 10.89
C ALA B 256 12.76 -1.13 11.68
N ARG B 257 11.89 -1.97 11.12
CA ARG B 257 10.74 -2.53 11.84
C ARG B 257 11.01 -3.88 12.55
N ASN B 258 11.67 -4.82 11.86
CA ASN B 258 12.05 -6.13 12.40
C ASN B 258 13.53 -6.34 12.25
N PRO B 259 14.32 -6.03 13.28
CA PRO B 259 15.80 -6.08 13.10
C PRO B 259 16.34 -7.49 12.76
N SER B 260 15.53 -8.54 12.99
CA SER B 260 15.94 -9.92 12.70
C SER B 260 16.08 -10.16 11.23
N VAL B 261 15.61 -9.21 10.41
CA VAL B 261 15.84 -9.31 8.99
C VAL B 261 17.35 -9.49 8.74
N ARG B 262 18.21 -8.68 9.37
CA ARG B 262 19.67 -8.82 9.10
C ARG B 262 20.29 -10.16 9.48
N ASP B 263 19.63 -10.88 10.38
CA ASP B 263 20.10 -12.18 10.89
C ASP B 263 19.91 -13.31 9.86
N LEU B 264 19.07 -13.11 8.85
CA LEU B 264 19.09 -13.96 7.67
C LEU B 264 20.37 -13.88 6.86
N LEU B 265 21.09 -12.76 6.93
CA LEU B 265 22.33 -12.63 6.19
C LEU B 265 23.39 -13.69 6.60
N GLY B 266 23.93 -14.37 5.58
CA GLY B 266 25.00 -15.33 5.79
C GLY B 266 24.51 -16.70 6.26
N ARG B 267 23.22 -16.95 6.27
CA ARG B 267 22.78 -18.27 6.67
C ARG B 267 22.68 -19.21 5.49
N SER B 268 22.85 -20.51 5.78
CA SER B 268 22.60 -21.59 4.82
C SER B 268 21.21 -22.14 5.03
N TRP B 269 20.54 -22.43 3.93
CA TRP B 269 19.18 -22.93 4.00
C TRP B 269 19.13 -24.48 4.03
N VAL B 270 18.25 -25.02 4.87
CA VAL B 270 17.94 -26.42 5.00
C VAL B 270 16.42 -26.49 4.93
N ALA B 271 15.92 -26.99 3.80
CA ALA B 271 14.48 -27.19 3.65
C ALA B 271 14.16 -28.68 3.62
N VAL B 272 13.60 -29.18 4.71
CA VAL B 272 13.27 -30.61 4.84
C VAL B 272 11.92 -30.80 5.52
N GLY B 273 11.42 -32.03 5.44
CA GLY B 273 10.04 -32.36 5.78
C GLY B 273 9.82 -33.25 6.97
N ILE B 274 8.56 -33.46 7.36
CA ILE B 274 8.26 -34.30 8.51
C ILE B 274 7.38 -35.46 8.04
N LYS B 275 6.11 -35.20 7.77
CA LYS B 275 5.18 -36.15 7.21
C LYS B 275 4.87 -35.91 5.75
N THR B 276 4.80 -37.02 5.00
CA THR B 276 4.27 -37.08 3.64
C THR B 276 3.18 -38.08 3.69
N ASN B 277 2.11 -37.85 2.94
CA ASN B 277 0.94 -38.70 3.03
C ASN B 277 0.01 -38.51 1.82
N VAL B 278 0.19 -39.35 0.80
CA VAL B 278 -0.54 -39.25 -0.46
C VAL B 278 -1.86 -40.01 -0.41
N GLN B 279 -2.93 -39.28 -0.74
CA GLN B 279 -4.29 -39.76 -0.60
C GLN B 279 -4.68 -40.55 -1.82
N PRO B 280 -5.64 -41.48 -1.64
CA PRO B 280 -6.03 -42.27 -2.79
C PRO B 280 -6.55 -41.48 -3.99
N ASP B 281 -7.13 -40.29 -3.78
CA ASP B 281 -7.68 -39.50 -4.93
C ASP B 281 -6.63 -38.52 -5.51
N SER B 282 -5.42 -38.54 -4.94
CA SER B 282 -4.36 -37.67 -5.45
C SER B 282 -3.87 -38.12 -6.80
N SER B 283 -3.49 -37.17 -7.66
CA SER B 283 -2.85 -37.55 -8.91
C SER B 283 -1.55 -38.34 -8.67
N PHE B 284 -1.00 -38.25 -7.46
CA PHE B 284 0.28 -38.89 -7.14
C PHE B 284 0.14 -40.29 -6.67
N TYR B 285 -1.09 -40.69 -6.38
CA TYR B 285 -1.34 -41.99 -5.85
C TYR B 285 -1.18 -43.06 -6.94
N ASP B 286 -0.32 -44.04 -6.67
CA ASP B 286 -0.12 -45.16 -7.62
C ASP B 286 -0.10 -46.43 -6.76
N PRO B 287 -1.20 -47.15 -6.74
CA PRO B 287 -1.41 -48.32 -5.88
C PRO B 287 -0.62 -49.54 -6.39
N ALA B 288 -0.18 -49.50 -7.65
CA ALA B 288 0.82 -50.46 -8.18
C ALA B 288 2.29 -50.06 -7.88
N GLN B 289 2.48 -48.89 -7.26
CA GLN B 289 3.79 -48.38 -6.88
C GLN B 289 3.68 -47.57 -5.59
N PRO B 290 3.37 -48.21 -4.44
CA PRO B 290 3.08 -47.51 -3.17
C PRO B 290 4.30 -46.88 -2.45
N GLY B 291 5.51 -47.07 -2.95
CA GLY B 291 6.74 -46.72 -2.22
C GLY B 291 6.87 -45.30 -1.64
N LYS B 292 6.41 -44.27 -2.34
CA LYS B 292 6.65 -42.86 -1.88
C LYS B 292 5.38 -42.18 -1.33
N ASN B 293 4.24 -42.86 -1.40
CA ASN B 293 2.98 -42.36 -0.84
C ASN B 293 2.97 -41.95 0.64
N ASP B 294 3.97 -42.35 1.43
CA ASP B 294 3.90 -42.26 2.87
C ASP B 294 5.29 -42.19 3.44
N SER B 295 5.65 -41.11 4.12
CA SER B 295 6.88 -41.12 4.88
C SER B 295 6.72 -40.30 6.15
N LEU B 296 7.60 -40.55 7.13
CA LEU B 296 7.63 -39.82 8.40
C LEU B 296 9.05 -39.72 8.91
N VAL B 297 9.47 -38.50 9.21
CA VAL B 297 10.70 -38.24 9.95
C VAL B 297 10.24 -37.45 11.17
N THR B 298 10.75 -37.80 12.34
CA THR B 298 10.24 -37.17 13.57
C THR B 298 10.95 -35.83 13.82
N PHE B 299 10.38 -35.08 14.76
CA PHE B 299 10.94 -33.81 15.17
C PHE B 299 12.29 -34.12 15.82
N ALA B 300 12.30 -35.15 16.68
CA ALA B 300 13.54 -35.64 17.33
C ALA B 300 14.68 -35.97 16.31
N GLN B 301 14.33 -36.66 15.24
CA GLN B 301 15.28 -36.91 14.15
C GLN B 301 15.84 -35.64 13.51
N ARG B 302 14.95 -34.65 13.29
CA ARG B 302 15.37 -33.39 12.73
C ARG B 302 16.21 -32.61 13.71
N GLU B 303 15.88 -32.74 14.99
CA GLU B 303 16.66 -32.12 16.00
C GLU B 303 18.09 -32.66 16.05
N ARG B 304 18.21 -34.00 16.02
CA ARG B 304 19.51 -34.66 15.97
C ARG B 304 20.30 -34.25 14.74
N GLN B 305 19.63 -34.23 13.59
CA GLN B 305 20.22 -33.73 12.34
C GLN B 305 20.77 -32.30 12.45
N MET B 306 20.01 -31.42 13.11
CA MET B 306 20.48 -30.03 13.29
C MET B 306 21.71 -29.94 14.17
N ARG B 307 21.68 -30.65 15.32
CA ARG B 307 22.80 -30.65 16.27
C ARG B 307 24.03 -31.12 15.53
N THR B 308 23.84 -32.11 14.66
CA THR B 308 24.91 -32.74 13.93
C THR B 308 25.51 -31.86 12.85
N LEU B 309 24.67 -31.12 12.12
CA LEU B 309 25.21 -30.05 11.23
C LEU B 309 26.03 -28.99 11.96
N HIS B 310 25.54 -28.62 13.14
CA HIS B 310 26.21 -27.62 13.95
C HIS B 310 27.65 -28.07 14.35
N GLU B 311 27.74 -29.29 14.87
CA GLU B 311 29.03 -29.94 15.17
C GLU B 311 29.94 -30.10 13.96
N MET B 312 29.36 -30.49 12.82
CA MET B 312 30.10 -30.56 11.57
C MET B 312 30.67 -29.23 11.08
N GLY B 313 30.35 -28.12 11.75
CA GLY B 313 30.76 -26.78 11.35
C GLY B 313 29.96 -26.21 10.17
N ALA B 314 28.68 -26.56 10.09
CA ALA B 314 27.83 -26.07 8.97
C ALA B 314 27.56 -24.54 9.07
N GLY B 315 27.82 -23.98 10.24
CA GLY B 315 27.72 -22.52 10.39
C GLY B 315 26.31 -22.10 10.70
N ARG B 316 26.02 -20.82 10.46
CA ARG B 316 24.70 -20.30 10.79
C ARG B 316 23.65 -20.80 9.80
N LEU B 317 22.58 -21.42 10.35
CA LEU B 317 21.56 -22.08 9.52
C LEU B 317 20.16 -21.46 9.64
N TYR B 318 19.36 -21.63 8.56
CA TYR B 318 17.93 -21.46 8.59
C TYR B 318 17.24 -22.75 8.15
N LEU B 319 16.39 -23.26 9.06
CA LEU B 319 15.58 -24.44 8.81
C LEU B 319 14.12 -24.05 8.51
N ALA B 320 13.68 -24.44 7.31
CA ALA B 320 12.30 -24.36 6.89
C ALA B 320 11.77 -25.76 6.91
N LEU B 321 10.76 -25.97 7.76
CA LEU B 321 10.26 -27.32 8.09
C LEU B 321 8.87 -27.54 7.47
N ALA B 322 8.75 -28.51 6.57
CA ALA B 322 7.50 -28.82 5.94
C ALA B 322 6.80 -30.04 6.54
N GLY B 323 5.49 -30.09 6.37
CA GLY B 323 4.70 -31.27 6.64
C GLY B 323 4.75 -31.61 8.10
N TRP B 324 4.78 -30.58 8.94
CA TRP B 324 4.92 -30.71 10.38
C TRP B 324 3.54 -30.92 11.09
N ALA B 325 2.41 -30.62 10.42
CA ALA B 325 1.09 -30.82 11.03
C ALA B 325 0.51 -32.19 10.72
N GLN B 326 -0.49 -32.53 11.54
CA GLN B 326 -1.09 -33.84 11.55
C GLN B 326 -1.54 -34.34 10.15
N PRO B 327 -2.17 -33.47 9.34
CA PRO B 327 -2.61 -34.00 8.02
C PRO B 327 -1.49 -34.51 7.10
N GLY B 328 -0.24 -34.07 7.37
CA GLY B 328 0.89 -34.24 6.45
C GLY B 328 0.92 -33.25 5.31
N TYR B 329 2.05 -33.18 4.65
CA TYR B 329 2.32 -32.22 3.56
C TYR B 329 1.24 -32.17 2.48
N ASP B 330 0.82 -30.94 2.12
CA ASP B 330 -0.27 -30.73 1.17
C ASP B 330 -1.56 -31.47 1.48
N ASN B 331 -1.87 -31.67 2.75
CA ASN B 331 -3.16 -32.19 3.14
C ASN B 331 -3.91 -31.23 4.08
N GLY B 332 -5.23 -31.17 3.96
CA GLY B 332 -6.06 -30.64 5.08
C GLY B 332 -6.13 -29.07 5.21
N HIS B 333 -5.32 -28.34 4.44
CA HIS B 333 -5.26 -26.86 4.52
C HIS B 333 -6.67 -26.30 4.28
N PRO B 334 -7.09 -25.30 5.04
CA PRO B 334 -6.27 -24.54 6.05
C PRO B 334 -6.34 -25.08 7.47
N ASP B 335 -6.97 -26.25 7.63
CA ASP B 335 -7.04 -26.90 8.93
C ASP B 335 -5.82 -27.77 9.11
N TYR B 336 -4.69 -27.09 9.18
CA TYR B 336 -3.39 -27.69 9.19
C TYR B 336 -2.82 -27.65 10.59
N LEU B 337 -3.46 -28.46 11.42
CA LEU B 337 -3.20 -28.46 12.87
C LEU B 337 -3.64 -29.85 13.35
N PRO B 338 -3.18 -30.28 14.54
CA PRO B 338 -2.12 -29.66 15.37
C PRO B 338 -0.79 -30.18 14.82
N ALA B 339 0.32 -30.00 15.55
CA ALA B 339 1.62 -30.60 15.19
C ALA B 339 1.49 -32.11 15.28
N CYS B 340 2.06 -32.78 14.27
CA CYS B 340 1.85 -34.22 14.04
C CYS B 340 2.30 -35.04 15.28
N ARG B 341 1.32 -35.74 15.83
CA ARG B 341 1.49 -36.52 17.04
C ARG B 341 2.51 -37.65 16.84
N GLU B 342 2.38 -38.37 15.72
CA GLU B 342 3.33 -39.46 15.41
C GLU B 342 4.79 -38.93 15.28
N ALA B 343 4.96 -37.69 14.81
CA ALA B 343 6.30 -37.09 14.78
C ALA B 343 6.75 -36.57 16.15
N GLY B 344 5.89 -36.56 17.16
CA GLY B 344 6.32 -36.05 18.50
C GLY B 344 5.48 -34.91 19.03
N GLY B 345 4.53 -34.43 18.23
CA GLY B 345 3.55 -33.49 18.77
C GLY B 345 4.17 -32.11 18.99
N TRP B 346 3.40 -31.25 19.67
CA TRP B 346 3.81 -29.88 19.98
C TRP B 346 5.10 -29.88 20.80
N LYS B 347 5.22 -30.82 21.76
CA LYS B 347 6.40 -30.93 22.60
C LYS B 347 7.67 -31.25 21.78
N GLY B 348 7.56 -32.20 20.87
CA GLY B 348 8.69 -32.55 20.01
C GLY B 348 9.06 -31.35 19.13
N MET B 349 8.04 -30.73 18.55
CA MET B 349 8.24 -29.56 17.69
C MET B 349 8.91 -28.46 18.49
N LYS B 350 8.33 -28.10 19.65
CA LYS B 350 9.01 -27.10 20.50
C LYS B 350 10.45 -27.53 20.83
N SER B 351 10.66 -28.81 21.15
CA SER B 351 12.01 -29.24 21.51
C SER B 351 12.97 -28.98 20.36
N LEU B 352 12.53 -29.30 19.14
CA LEU B 352 13.38 -29.06 17.99
C LEU B 352 13.64 -27.53 17.82
N ILE B 353 12.64 -26.68 18.01
CA ILE B 353 12.89 -25.20 17.88
C ILE B 353 13.89 -24.66 18.90
N ASP B 354 13.68 -25.05 20.16
CA ASP B 354 14.56 -24.67 21.28
C ASP B 354 16.00 -25.05 21.00
N ALA B 355 16.18 -26.27 20.49
CA ALA B 355 17.47 -26.79 20.05
C ALA B 355 18.06 -25.92 18.93
N CYS B 356 17.31 -25.62 17.86
CA CYS B 356 17.83 -24.68 16.85
C CYS B 356 18.26 -23.35 17.48
N HIS B 357 17.46 -22.86 18.42
CA HIS B 357 17.74 -21.57 19.05
C HIS B 357 19.00 -21.58 19.90
N GLU B 358 19.13 -22.67 20.64
CA GLU B 358 20.24 -22.86 21.56
C GLU B 358 21.53 -22.81 20.79
N GLN B 359 21.55 -23.35 19.58
CA GLN B 359 22.73 -23.32 18.74
C GLN B 359 22.86 -22.13 17.80
N GLY B 360 21.94 -21.17 17.90
CA GLY B 360 22.08 -19.90 17.16
C GLY B 360 21.54 -20.00 15.74
N ASP B 361 20.56 -20.88 15.56
CA ASP B 361 19.98 -21.10 14.27
C ASP B 361 18.54 -20.62 14.25
N LEU B 362 18.07 -20.34 13.05
CA LEU B 362 16.69 -19.92 12.81
C LEU B 362 15.73 -20.99 12.27
N PHE B 363 14.46 -20.83 12.65
CA PHE B 363 13.39 -21.79 12.37
C PHE B 363 12.12 -21.10 11.79
N GLY B 364 11.56 -21.68 10.72
CA GLY B 364 10.20 -21.39 10.23
C GLY B 364 9.43 -22.61 9.78
N THR B 365 8.11 -22.46 9.68
CA THR B 365 7.26 -23.53 9.17
C THR B 365 6.83 -23.28 7.73
N ALA B 366 6.62 -24.34 6.96
CA ALA B 366 5.93 -24.21 5.68
C ALA B 366 4.46 -24.45 5.94
N ASP B 367 3.63 -23.77 5.18
CA ASP B 367 2.21 -23.71 5.39
C ASP B 367 1.56 -23.25 4.08
N GLN B 368 0.23 -23.28 4.04
CA GLN B 368 -0.45 -23.13 2.76
C GLN B 368 -1.84 -22.60 3.02
N TYR B 369 -2.20 -21.54 2.30
CA TYR B 369 -3.49 -20.89 2.54
C TYR B 369 -4.29 -20.64 1.28
N ARG B 370 -3.82 -21.10 0.13
CA ARG B 370 -4.64 -21.02 -1.08
C ARG B 370 -5.39 -22.36 -1.38
N ASP B 371 -4.64 -23.47 -1.48
CA ASP B 371 -5.27 -24.80 -1.71
C ASP B 371 -6.21 -25.10 -0.60
N TYR B 372 -7.44 -25.50 -0.94
CA TYR B 372 -8.46 -25.68 0.06
C TYR B 372 -9.02 -27.11 -0.11
N TYR B 373 -8.53 -28.02 0.73
CA TYR B 373 -8.80 -29.45 0.55
C TYR B 373 -10.22 -29.83 1.02
N PHE B 374 -10.93 -30.65 0.23
CA PHE B 374 -12.28 -31.15 0.62
C PHE B 374 -12.26 -31.89 1.95
N ALA B 375 -11.12 -32.51 2.27
CA ALA B 375 -10.92 -33.20 3.55
C ALA B 375 -10.53 -32.32 4.74
N ALA B 376 -10.46 -30.99 4.59
CA ALA B 376 -10.16 -30.19 5.78
C ALA B 376 -11.30 -30.34 6.82
N ARG B 377 -10.92 -30.34 8.11
CA ARG B 377 -11.87 -30.51 9.21
C ARG B 377 -13.10 -29.63 9.02
N THR B 378 -12.91 -28.36 8.63
CA THR B 378 -14.00 -27.42 8.47
C THR B 378 -14.27 -27.06 7.02
N PHE B 379 -13.92 -27.94 6.09
CA PHE B 379 -14.25 -27.66 4.70
C PHE B 379 -15.70 -27.21 4.52
N ASP B 380 -15.89 -26.14 3.75
CA ASP B 380 -17.21 -25.60 3.44
C ASP B 380 -17.09 -24.84 2.11
N PRO B 381 -17.75 -25.31 1.04
CA PRO B 381 -17.64 -24.61 -0.26
C PRO B 381 -18.09 -23.15 -0.18
N ARG B 382 -18.69 -22.73 0.93
CA ARG B 382 -19.08 -21.33 0.98
C ARG B 382 -17.85 -20.39 1.23
N ASN B 383 -16.71 -20.96 1.57
CA ASN B 383 -15.48 -20.18 1.76
C ASN B 383 -14.61 -20.18 0.48
N ALA B 384 -15.05 -20.93 -0.56
CA ALA B 384 -14.21 -21.15 -1.72
C ALA B 384 -14.47 -20.12 -2.79
N ILE B 385 -13.50 -19.98 -3.67
CA ILE B 385 -13.56 -19.13 -4.88
C ILE B 385 -14.75 -19.52 -5.73
N ARG B 386 -15.38 -18.54 -6.39
CA ARG B 386 -16.28 -18.83 -7.52
C ARG B 386 -15.72 -18.02 -8.66
N LEU B 387 -15.58 -18.64 -9.85
CA LEU B 387 -15.05 -17.91 -11.01
C LEU B 387 -16.07 -16.91 -11.49
N ALA B 388 -15.62 -16.04 -12.41
CA ALA B 388 -16.49 -15.07 -13.05
C ALA B 388 -17.73 -15.78 -13.64
N ASP B 389 -17.60 -17.01 -14.14
CA ASP B 389 -18.80 -17.75 -14.60
C ASP B 389 -19.65 -18.45 -13.52
N GLY B 390 -19.39 -18.20 -12.24
CA GLY B 390 -20.15 -18.82 -11.16
C GLY B 390 -19.66 -20.21 -10.67
N THR B 391 -18.65 -20.78 -11.30
CA THR B 391 -18.22 -22.14 -10.94
C THR B 391 -17.14 -22.15 -9.89
N MET B 392 -17.10 -23.24 -9.15
CA MET B 392 -16.12 -23.40 -8.10
C MET B 392 -15.02 -24.29 -8.71
N PRO B 393 -13.81 -23.74 -8.83
CA PRO B 393 -12.74 -24.53 -9.47
C PRO B 393 -12.31 -25.70 -8.59
N GLU B 394 -12.11 -26.86 -9.17
CA GLU B 394 -11.64 -28.05 -8.42
C GLU B 394 -10.55 -28.81 -9.15
N HIS B 395 -9.74 -29.53 -8.38
CA HIS B 395 -8.77 -30.49 -8.94
C HIS B 395 -8.30 -31.41 -7.83
N ALA B 396 -7.53 -32.44 -8.19
CA ALA B 396 -7.05 -33.39 -7.18
C ALA B 396 -5.58 -33.68 -7.41
N MET B 397 -4.80 -32.62 -7.67
CA MET B 397 -3.40 -32.78 -8.13
C MET B 397 -2.49 -33.27 -7.03
N TRP B 398 -2.50 -32.58 -5.89
CA TRP B 398 -1.50 -32.74 -4.83
C TRP B 398 -1.83 -33.84 -3.82
N ALA B 399 -0.92 -34.05 -2.87
CA ALA B 399 -1.02 -35.20 -1.93
C ALA B 399 -2.40 -35.33 -1.25
N GLY B 400 -2.96 -34.19 -0.82
CA GLY B 400 -4.22 -34.26 -0.12
C GLY B 400 -5.47 -34.51 -0.97
N GLY B 401 -5.30 -34.70 -2.28
CA GLY B 401 -6.43 -35.04 -3.16
C GLY B 401 -7.36 -33.85 -3.45
N ARG B 402 -8.68 -34.11 -3.52
CA ARG B 402 -9.62 -33.17 -4.13
C ARG B 402 -9.62 -31.83 -3.33
N GLN B 403 -9.43 -30.74 -4.06
CA GLN B 403 -9.38 -29.39 -3.47
C GLN B 403 -10.08 -28.35 -4.34
N THR B 404 -10.32 -27.20 -3.73
CA THR B 404 -10.74 -26.01 -4.46
C THR B 404 -9.74 -24.93 -3.97
N TYR B 405 -10.08 -23.65 -4.09
CA TYR B 405 -9.22 -22.58 -3.50
C TYR B 405 -9.97 -21.79 -2.51
N LEU B 406 -9.30 -21.45 -1.41
CA LEU B 406 -9.86 -20.61 -0.36
C LEU B 406 -9.82 -19.17 -0.90
N CYS B 407 -10.96 -18.48 -0.80
CA CYS B 407 -11.00 -17.08 -1.27
C CYS B 407 -10.09 -16.29 -0.34
N ALA B 408 -9.16 -15.56 -0.94
CA ALA B 408 -8.18 -14.84 -0.15
C ALA B 408 -8.81 -13.73 0.73
N GLU B 409 -9.99 -13.24 0.35
CA GLU B 409 -10.77 -12.43 1.31
C GLU B 409 -10.79 -13.01 2.72
N LEU B 410 -10.78 -14.33 2.79
CA LEU B 410 -10.77 -15.00 4.08
C LEU B 410 -9.42 -15.54 4.57
N ALA B 411 -8.40 -15.49 3.72
CA ALA B 411 -7.09 -16.05 4.12
C ALA B 411 -6.52 -15.45 5.42
N PRO B 412 -6.53 -14.11 5.54
CA PRO B 412 -5.98 -13.56 6.75
C PRO B 412 -6.75 -14.07 7.97
N ASP B 413 -8.07 -14.27 7.89
CA ASP B 413 -8.77 -14.91 9.05
C ASP B 413 -8.15 -16.28 9.48
N TYR B 414 -7.81 -17.11 8.51
CA TYR B 414 -7.19 -18.43 8.81
C TYR B 414 -5.76 -18.30 9.28
N VAL B 415 -5.02 -17.38 8.70
CA VAL B 415 -3.65 -17.16 9.13
C VAL B 415 -3.61 -16.71 10.57
N ARG B 416 -4.44 -15.74 10.92
CA ARG B 416 -4.56 -15.28 12.29
C ARG B 416 -4.96 -16.43 13.25
N ARG B 417 -5.96 -17.20 12.88
CA ARG B 417 -6.35 -18.38 13.69
C ARG B 417 -5.21 -19.41 13.91
N ASN B 418 -4.59 -19.84 12.81
CA ASN B 418 -3.58 -20.88 12.92
C ASN B 418 -2.33 -20.44 13.61
N PHE B 419 -1.78 -19.30 13.26
CA PHE B 419 -0.50 -18.87 13.86
C PHE B 419 -0.69 -18.50 15.33
N SER B 420 -1.91 -18.05 15.66
CA SER B 420 -2.27 -17.77 17.05
C SER B 420 -2.20 -19.08 17.86
N GLU B 421 -2.91 -20.10 17.39
CA GLU B 421 -2.86 -21.43 18.01
C GLU B 421 -1.41 -21.90 18.19
N ILE B 422 -0.62 -21.87 17.12
CA ILE B 422 0.76 -22.35 17.21
C ILE B 422 1.53 -21.66 18.35
N ALA B 423 1.32 -20.36 18.50
CA ALA B 423 2.05 -19.61 19.51
C ALA B 423 1.65 -20.01 20.91
N THR B 424 0.41 -20.49 21.07
CA THR B 424 -0.08 -20.88 22.41
C THR B 424 0.58 -22.15 22.87
N HIS B 425 1.27 -22.84 21.96
CA HIS B 425 2.03 -24.06 22.31
C HIS B 425 3.50 -23.79 22.55
N GLY B 426 3.82 -22.53 22.85
CA GLY B 426 5.17 -22.12 23.24
C GLY B 426 6.18 -22.20 22.11
N ILE B 427 5.68 -22.22 20.87
CA ILE B 427 6.49 -22.26 19.64
C ILE B 427 6.63 -20.82 19.09
N VAL B 428 7.88 -20.35 18.94
CA VAL B 428 8.16 -18.96 18.59
C VAL B 428 8.91 -18.97 17.29
N LEU B 429 8.19 -18.83 16.16
CA LEU B 429 8.81 -18.94 14.81
C LEU B 429 9.68 -17.72 14.53
N ASP B 430 10.88 -17.91 14.00
CA ASP B 430 11.60 -16.75 13.43
C ASP B 430 11.05 -16.31 12.07
N CYS B 431 10.48 -17.26 11.34
CA CYS B 431 10.06 -17.03 9.97
C CYS B 431 8.89 -17.93 9.67
N ALA B 432 8.16 -17.60 8.61
CA ALA B 432 7.15 -18.51 8.10
C ALA B 432 7.14 -18.42 6.56
N TYR B 433 6.79 -19.54 5.96
CA TYR B 433 6.79 -19.66 4.52
C TYR B 433 5.36 -20.02 4.12
N LEU B 434 4.71 -19.11 3.40
CA LEU B 434 3.36 -19.36 2.94
C LEU B 434 3.53 -19.75 1.50
N ASP B 435 3.26 -21.03 1.19
CA ASP B 435 3.49 -21.55 -0.16
C ASP B 435 2.59 -20.81 -1.17
N VAL B 436 2.94 -20.89 -2.45
CA VAL B 436 2.08 -20.46 -3.60
C VAL B 436 1.88 -18.96 -3.84
N PHE B 437 1.61 -18.22 -2.77
CA PHE B 437 1.26 -16.77 -2.88
C PHE B 437 2.04 -15.98 -3.90
N THR B 438 3.38 -16.09 -3.89
CA THR B 438 4.22 -15.19 -4.69
C THR B 438 4.70 -15.85 -5.99
N CYS B 439 4.10 -16.97 -6.35
CA CYS B 439 4.42 -17.68 -7.59
C CYS B 439 3.19 -17.69 -8.49
N ASN B 440 2.06 -18.21 -8.00
CA ASN B 440 0.83 -18.32 -8.82
C ASN B 440 0.01 -17.04 -8.90
N GLU B 441 -0.86 -16.94 -9.91
CA GLU B 441 -1.74 -15.77 -10.02
C GLU B 441 -2.65 -15.55 -8.78
N GLY B 442 -3.04 -14.29 -8.59
CA GLY B 442 -4.15 -13.91 -7.74
C GLY B 442 -5.47 -14.41 -8.32
N ASP B 443 -6.30 -14.97 -7.44
CA ASP B 443 -7.64 -15.33 -7.84
C ASP B 443 -8.60 -14.16 -7.99
N GLU B 444 -9.63 -14.33 -8.80
CA GLU B 444 -10.83 -13.52 -8.68
C GLU B 444 -12.00 -14.33 -8.23
N CYS B 445 -12.96 -13.66 -7.62
CA CYS B 445 -14.06 -14.37 -6.96
C CYS B 445 -15.32 -13.57 -7.15
N SER B 446 -16.33 -14.23 -7.70
CA SER B 446 -17.65 -13.63 -7.87
C SER B 446 -18.61 -14.05 -6.75
N HIS B 447 -18.12 -14.72 -5.70
CA HIS B 447 -19.02 -15.14 -4.64
C HIS B 447 -19.55 -13.89 -3.92
N PRO B 448 -20.89 -13.70 -3.89
CA PRO B 448 -21.51 -12.50 -3.26
C PRO B 448 -21.06 -12.27 -1.80
N GLU B 449 -20.74 -13.36 -1.10
CA GLU B 449 -20.29 -13.25 0.30
C GLU B 449 -18.85 -12.72 0.46
N HIS B 450 -18.05 -12.83 -0.60
CA HIS B 450 -16.66 -12.36 -0.56
C HIS B 450 -16.13 -12.12 -1.92
N ARG B 451 -16.77 -11.18 -2.61
CA ARG B 451 -16.40 -10.81 -3.99
C ARG B 451 -14.95 -10.30 -3.97
N MET B 452 -14.17 -10.64 -4.97
CA MET B 452 -12.74 -10.27 -4.93
C MET B 452 -12.09 -10.13 -6.33
N THR B 453 -11.45 -9.00 -6.65
CA THR B 453 -10.70 -8.89 -7.89
C THR B 453 -9.29 -9.53 -7.70
N ARG B 454 -8.61 -9.82 -8.80
CA ARG B 454 -7.21 -10.31 -8.69
C ARG B 454 -6.32 -9.27 -7.95
N ARG B 455 -6.52 -7.99 -8.24
CA ARG B 455 -5.80 -6.93 -7.47
C ARG B 455 -6.02 -7.05 -5.98
N GLU B 456 -7.29 -7.21 -5.59
CA GLU B 456 -7.68 -7.42 -4.20
C GLU B 456 -7.04 -8.69 -3.60
N CYS B 457 -6.93 -9.73 -4.38
CA CYS B 457 -6.25 -10.96 -3.96
C CYS B 457 -4.79 -10.71 -3.53
N TYR B 458 -3.99 -10.04 -4.38
CA TYR B 458 -2.60 -9.70 -3.98
C TYR B 458 -2.55 -8.94 -2.66
N GLU B 459 -3.52 -8.01 -2.43
CA GLU B 459 -3.54 -7.25 -1.21
C GLU B 459 -3.88 -8.14 -0.03
N ARG B 460 -4.79 -9.10 -0.23
CA ARG B 460 -5.11 -10.03 0.84
C ARG B 460 -3.93 -10.94 1.13
N ARG B 461 -3.24 -11.38 0.10
CA ARG B 461 -2.01 -12.15 0.36
C ARG B 461 -0.97 -11.36 1.15
N ALA B 462 -0.74 -10.11 0.74
CA ALA B 462 0.08 -9.20 1.51
C ALA B 462 -0.39 -9.03 2.95
N GLU B 463 -1.71 -8.93 3.14
CA GLU B 463 -2.29 -8.81 4.48
C GLU B 463 -1.88 -10.02 5.36
N CYS B 464 -1.83 -11.22 4.76
CA CYS B 464 -1.34 -12.40 5.46
C CYS B 464 0.12 -12.17 5.94
N PHE B 465 0.96 -11.70 5.03
CA PHE B 465 2.38 -11.42 5.35
C PHE B 465 2.49 -10.39 6.46
N GLU B 466 1.69 -9.33 6.37
CA GLU B 466 1.79 -8.30 7.39
C GLU B 466 1.46 -8.76 8.77
N TYR B 467 0.50 -9.66 8.90
CA TYR B 467 0.19 -10.21 10.20
C TYR B 467 1.49 -10.78 10.80
N LEU B 468 2.22 -11.55 9.99
CA LEU B 468 3.45 -12.20 10.44
C LEU B 468 4.51 -11.15 10.79
N LEU B 469 4.73 -10.17 9.93
CA LEU B 469 5.72 -9.11 10.25
C LEU B 469 5.39 -8.33 11.51
N ALA B 470 4.11 -8.09 11.72
CA ALA B 470 3.68 -7.40 12.95
C ALA B 470 4.02 -8.19 14.21
N HIS B 471 3.99 -9.50 14.11
CA HIS B 471 4.37 -10.37 15.18
C HIS B 471 5.87 -10.76 15.20
N GLY B 472 6.67 -10.12 14.37
CA GLY B 472 8.14 -10.34 14.37
C GLY B 472 8.54 -11.64 13.71
N ILE B 473 7.63 -12.18 12.89
CA ILE B 473 7.94 -13.36 12.15
C ILE B 473 8.27 -12.97 10.70
N LEU B 474 9.52 -13.23 10.24
CA LEU B 474 9.86 -12.87 8.87
C LEU B 474 9.09 -13.69 7.83
N THR B 475 8.69 -13.00 6.74
CA THR B 475 7.81 -13.57 5.72
C THR B 475 8.58 -14.15 4.54
N SER B 476 8.08 -15.27 4.00
CA SER B 476 8.64 -15.84 2.80
C SER B 476 7.53 -16.52 2.03
N SER B 477 7.74 -16.63 0.73
CA SER B 477 6.78 -17.39 -0.06
C SER B 477 7.58 -17.98 -1.23
N GLU B 478 6.88 -18.59 -2.16
CA GLU B 478 7.49 -19.49 -3.18
C GLU B 478 8.50 -18.81 -4.10
N GLU B 479 8.11 -17.71 -4.76
CA GLU B 479 9.04 -16.94 -5.57
C GLU B 479 8.88 -15.46 -5.21
N VAL B 480 9.03 -14.57 -6.17
CA VAL B 480 9.27 -13.16 -5.82
C VAL B 480 8.47 -12.20 -6.69
N SER B 481 7.32 -12.65 -7.25
CA SER B 481 6.52 -11.75 -8.11
C SER B 481 6.31 -10.41 -7.36
N ASP B 482 6.73 -9.34 -8.03
CA ASP B 482 6.84 -8.02 -7.40
C ASP B 482 5.72 -7.35 -6.63
N TRP B 483 4.47 -7.71 -6.92
CA TRP B 483 3.38 -7.22 -6.06
C TRP B 483 3.81 -7.36 -4.59
N ALA B 484 4.56 -8.40 -4.27
CA ALA B 484 4.81 -8.75 -2.88
C ALA B 484 6.01 -8.05 -2.22
N VAL B 485 6.79 -7.31 -3.01
CA VAL B 485 7.99 -6.72 -2.49
C VAL B 485 7.81 -5.91 -1.19
N PRO B 486 6.74 -5.13 -1.09
CA PRO B 486 6.68 -4.39 0.18
C PRO B 486 6.51 -5.23 1.45
N SER B 487 5.96 -6.43 1.36
CA SER B 487 5.68 -7.22 2.53
C SER B 487 6.43 -8.56 2.61
N LEU B 488 7.34 -8.78 1.67
CA LEU B 488 8.07 -10.05 1.52
C LEU B 488 9.51 -9.86 1.94
N VAL B 489 9.96 -10.61 2.94
CA VAL B 489 11.38 -10.53 3.34
C VAL B 489 12.30 -11.46 2.54
N PHE B 490 11.80 -12.67 2.24
CA PHE B 490 12.60 -13.67 1.58
C PHE B 490 11.74 -14.69 0.83
N CYS B 491 12.36 -15.70 0.26
CA CYS B 491 11.60 -16.58 -0.61
C CYS B 491 12.18 -17.98 -0.60
N HIS B 492 11.60 -18.89 -1.37
CA HIS B 492 12.15 -20.24 -1.46
C HIS B 492 13.31 -20.18 -2.46
N TYR B 493 13.17 -19.27 -3.41
CA TYR B 493 14.12 -19.02 -4.46
C TYR B 493 13.59 -17.97 -5.40
N ALA B 494 14.51 -17.37 -6.15
CA ALA B 494 14.13 -16.51 -7.25
C ALA B 494 14.96 -17.02 -8.44
N PRO B 495 14.61 -18.23 -8.91
CA PRO B 495 15.43 -18.94 -9.87
C PRO B 495 15.31 -18.41 -11.27
N TYR B 496 16.33 -18.63 -12.04
CA TYR B 496 16.16 -18.56 -13.49
C TYR B 496 15.23 -19.65 -14.00
N ASP B 497 14.53 -19.32 -15.07
CA ASP B 497 13.59 -20.23 -15.68
C ASP B 497 14.27 -21.56 -16.05
N PHE B 498 15.54 -21.51 -16.49
CA PHE B 498 16.26 -22.75 -16.86
C PHE B 498 16.45 -23.67 -15.64
N GLN B 499 16.52 -23.11 -14.43
CA GLN B 499 16.63 -23.97 -13.25
C GLN B 499 15.34 -24.65 -12.91
N MET B 500 14.27 -24.35 -13.63
CA MET B 500 12.95 -24.92 -13.36
C MET B 500 12.59 -25.93 -14.45
N ARG B 501 13.57 -26.25 -15.30
CA ARG B 501 13.38 -27.21 -16.37
C ARG B 501 14.54 -28.19 -16.33
N SER B 502 14.43 -29.32 -17.03
CA SER B 502 15.54 -30.27 -17.04
C SER B 502 16.80 -29.57 -17.58
N PRO B 503 18.00 -29.94 -17.05
CA PRO B 503 19.22 -29.44 -17.71
C PRO B 503 19.35 -29.82 -19.20
N ASP B 504 18.61 -30.83 -19.65
CA ASP B 504 18.61 -31.20 -21.06
C ASP B 504 17.74 -30.30 -21.92
N ALA B 505 16.80 -29.56 -21.32
CA ALA B 505 15.92 -28.72 -22.14
C ALA B 505 16.69 -27.54 -22.67
N PRO B 506 16.52 -27.24 -23.96
CA PRO B 506 17.10 -26.05 -24.55
C PRO B 506 16.58 -24.78 -23.84
N ARG B 507 17.49 -23.84 -23.61
CA ARG B 507 17.17 -22.59 -22.90
C ARG B 507 16.58 -21.52 -23.82
N HIS B 508 15.96 -20.49 -23.24
CA HIS B 508 15.22 -19.52 -24.03
C HIS B 508 16.04 -18.32 -24.37
N GLY B 509 17.24 -18.28 -23.80
CA GLY B 509 18.14 -17.15 -24.01
C GLY B 509 19.25 -17.18 -22.99
N ILE B 510 19.82 -16.02 -22.76
CA ILE B 510 20.92 -15.84 -21.84
C ILE B 510 20.39 -15.44 -20.46
N PRO B 511 20.80 -16.16 -19.40
CA PRO B 511 20.36 -15.73 -18.06
C PRO B 511 21.03 -14.46 -17.56
N VAL B 512 20.22 -13.47 -17.13
CA VAL B 512 20.70 -12.19 -16.59
C VAL B 512 19.84 -11.90 -15.36
N PRO B 513 20.44 -11.33 -14.31
CA PRO B 513 19.65 -11.18 -13.07
C PRO B 513 18.80 -9.89 -13.08
N LEU B 514 17.80 -9.88 -13.97
CA LEU B 514 16.95 -8.72 -14.09
C LEU B 514 16.26 -8.47 -12.75
N TYR B 515 15.74 -9.49 -12.09
CA TYR B 515 15.02 -9.23 -10.83
C TYR B 515 15.91 -8.54 -9.77
N ASN B 516 17.12 -9.08 -9.61
CA ASN B 516 18.06 -8.58 -8.64
C ASN B 516 18.64 -7.23 -8.98
N LEU B 517 18.65 -6.91 -10.26
CA LEU B 517 19.06 -5.54 -10.68
C LEU B 517 18.05 -4.51 -10.19
N VAL B 518 16.83 -4.98 -9.97
CA VAL B 518 15.79 -4.08 -9.42
C VAL B 518 15.68 -4.18 -7.90
N TYR B 519 15.77 -5.38 -7.33
CA TYR B 519 15.29 -5.68 -5.99
C TYR B 519 16.26 -6.46 -5.05
N HIS B 520 17.52 -6.61 -5.43
CA HIS B 520 18.42 -7.37 -4.59
C HIS B 520 18.48 -6.82 -3.17
N ASP B 521 18.35 -5.52 -3.03
CA ASP B 521 18.36 -4.90 -1.72
C ASP B 521 16.98 -4.85 -1.02
N CYS B 522 16.02 -5.57 -1.58
CA CYS B 522 14.67 -5.59 -1.02
C CYS B 522 14.17 -6.98 -0.60
N VAL B 523 14.69 -8.05 -1.24
CA VAL B 523 14.21 -9.39 -0.98
C VAL B 523 15.45 -10.34 -0.94
N ILE B 524 15.64 -10.98 0.20
CA ILE B 524 16.68 -12.01 0.33
C ILE B 524 16.21 -13.31 -0.35
N GLN B 525 17.11 -13.94 -1.10
CA GLN B 525 16.82 -15.17 -1.83
C GLN B 525 17.95 -16.21 -1.64
N PRO B 526 17.55 -17.42 -1.22
CA PRO B 526 18.45 -18.54 -1.26
C PRO B 526 18.46 -19.12 -2.68
N TRP B 527 19.55 -19.84 -3.00
CA TRP B 527 19.79 -20.28 -4.36
C TRP B 527 20.21 -21.75 -4.46
N MET B 528 19.89 -22.34 -5.62
CA MET B 528 20.12 -23.77 -5.80
C MET B 528 21.63 -23.95 -5.85
N MET B 529 22.12 -25.06 -5.28
CA MET B 529 23.57 -25.35 -5.22
C MET B 529 23.91 -26.63 -6.00
N ASP B 530 22.94 -27.15 -6.73
CA ASP B 530 23.12 -28.33 -7.58
C ASP B 530 24.27 -28.16 -8.61
N ARG B 531 24.98 -29.24 -8.89
CA ARG B 531 25.98 -29.27 -9.98
C ARG B 531 25.42 -30.19 -11.05
N VAL B 532 25.31 -29.68 -12.27
CA VAL B 532 24.81 -30.44 -13.43
C VAL B 532 25.95 -31.26 -14.06
N ALA B 533 25.74 -32.58 -14.24
CA ALA B 533 26.71 -33.48 -14.91
C ALA B 533 27.10 -32.91 -16.29
N GLY B 534 28.35 -32.42 -16.43
CA GLY B 534 28.85 -31.87 -17.70
C GLY B 534 28.15 -30.58 -18.09
N GLY B 535 27.59 -29.91 -17.09
CA GLY B 535 27.05 -28.57 -17.31
C GLY B 535 27.34 -27.64 -16.14
N ASP B 536 26.55 -26.57 -16.02
CA ASP B 536 26.79 -25.53 -15.03
C ASP B 536 26.81 -25.97 -13.57
N ASP B 537 27.70 -25.35 -12.80
CA ASP B 537 27.66 -25.45 -11.34
C ASP B 537 26.78 -24.24 -10.86
N TYR B 538 25.61 -24.55 -10.30
CA TYR B 538 24.62 -23.51 -9.93
C TYR B 538 25.13 -22.57 -8.85
N MET B 539 26.15 -22.99 -8.12
CA MET B 539 26.87 -22.04 -7.26
C MET B 539 27.28 -20.76 -7.94
N LEU B 540 27.65 -20.83 -9.20
CA LEU B 540 28.13 -19.63 -9.88
C LEU B 540 26.97 -18.56 -9.95
N TYR B 541 25.74 -19.04 -10.06
CA TYR B 541 24.58 -18.10 -10.12
C TYR B 541 24.24 -17.56 -8.75
N ALA B 542 24.42 -18.39 -7.72
CA ALA B 542 24.25 -17.93 -6.34
C ALA B 542 25.21 -16.77 -6.06
N LEU B 543 26.44 -16.90 -6.52
CA LEU B 543 27.43 -15.80 -6.40
C LEU B 543 27.07 -14.53 -7.22
N LEU B 544 26.75 -14.69 -8.52
CA LEU B 544 26.42 -13.55 -9.37
C LEU B 544 25.24 -12.74 -8.77
N ASN B 545 24.31 -13.44 -8.14
CA ASN B 545 23.09 -12.82 -7.59
C ASN B 545 23.22 -12.41 -6.12
N GLY B 546 24.46 -12.53 -5.61
CA GLY B 546 24.80 -12.25 -4.21
C GLY B 546 23.82 -12.84 -3.24
N GLY B 547 23.55 -14.12 -3.41
CA GLY B 547 22.46 -14.81 -2.70
C GLY B 547 22.92 -15.69 -1.56
N ALA B 548 21.96 -16.29 -0.88
CA ALA B 548 22.23 -17.30 0.12
C ALA B 548 22.26 -18.71 -0.54
N PRO B 549 23.07 -19.64 0.03
CA PRO B 549 23.08 -21.04 -0.42
C PRO B 549 22.10 -21.94 0.30
N TYR B 550 21.48 -22.84 -0.48
CA TYR B 550 20.89 -24.03 0.07
C TYR B 550 22.01 -25.01 0.45
N LEU B 551 21.95 -25.50 1.69
CA LEU B 551 22.79 -26.64 2.13
C LEU B 551 22.05 -27.93 1.79
N ILE B 552 20.81 -28.06 2.29
CA ILE B 552 19.92 -29.16 1.89
C ILE B 552 18.63 -28.56 1.31
N ARG B 553 18.13 -29.14 0.20
CA ARG B 553 16.81 -28.72 -0.34
C ARG B 553 15.99 -29.92 -0.78
N ASP B 554 15.11 -30.40 0.09
CA ASP B 554 14.27 -31.55 -0.28
C ASP B 554 13.03 -30.99 -0.93
N ALA B 555 12.99 -31.08 -2.26
CA ALA B 555 11.87 -30.57 -3.07
C ALA B 555 10.64 -31.49 -2.82
N ALA B 556 9.44 -30.94 -2.96
CA ALA B 556 8.26 -31.61 -2.42
C ALA B 556 7.96 -32.97 -3.04
N TYR B 557 7.87 -33.05 -4.35
CA TYR B 557 7.51 -34.34 -4.92
C TYR B 557 8.65 -35.00 -5.67
N THR B 572 28.58 -33.90 1.54
CA THR B 572 28.05 -32.99 2.57
C THR B 572 29.13 -32.06 3.10
N GLU B 573 30.36 -32.57 3.32
CA GLU B 573 31.48 -31.74 3.84
C GLU B 573 31.98 -30.69 2.82
N ASN B 574 31.99 -31.16 1.56
CA ASN B 574 32.24 -30.34 0.37
C ASN B 574 31.11 -29.27 0.23
N ASP B 575 29.85 -29.72 0.37
CA ASP B 575 28.68 -28.82 0.48
C ASP B 575 28.81 -27.66 1.48
N ILE B 576 29.31 -27.96 2.68
CA ILE B 576 29.46 -26.98 3.78
C ILE B 576 30.53 -25.97 3.37
N GLU B 577 31.59 -26.52 2.79
CA GLU B 577 32.66 -25.72 2.26
C GLU B 577 32.16 -24.72 1.22
N ARG B 578 31.37 -25.22 0.26
CA ARG B 578 30.88 -24.37 -0.87
C ARG B 578 29.88 -23.35 -0.34
N CYS B 579 29.00 -23.82 0.56
CA CYS B 579 28.04 -22.89 1.22
C CYS B 579 28.77 -21.76 1.88
N ALA B 580 29.80 -22.07 2.65
CA ALA B 580 30.52 -21.00 3.35
C ALA B 580 31.15 -19.94 2.39
N VAL B 581 31.43 -20.30 1.14
CA VAL B 581 31.93 -19.25 0.22
C VAL B 581 30.80 -18.26 -0.13
N VAL B 582 29.65 -18.84 -0.48
CA VAL B 582 28.43 -18.12 -0.84
C VAL B 582 27.98 -17.29 0.38
N ALA B 583 27.76 -17.96 1.51
CA ALA B 583 27.28 -17.33 2.74
C ALA B 583 28.19 -16.17 3.17
N GLY B 584 29.51 -16.34 3.00
CA GLY B 584 30.47 -15.28 3.26
C GLY B 584 30.17 -14.04 2.44
N LEU B 585 29.85 -14.24 1.16
CA LEU B 585 29.59 -13.09 0.28
C LEU B 585 28.28 -12.42 0.64
N HIS B 586 27.24 -13.26 0.82
CA HIS B 586 25.91 -12.84 1.25
C HIS B 586 25.97 -11.99 2.50
N ARG B 587 26.71 -12.45 3.51
CA ARG B 587 26.79 -11.66 4.74
C ARG B 587 27.29 -10.25 4.49
N ARG B 588 28.17 -10.13 3.51
CA ARG B 588 28.74 -8.87 3.12
C ARG B 588 27.75 -8.01 2.30
N VAL B 589 27.17 -8.59 1.23
CA VAL B 589 26.39 -7.80 0.28
C VAL B 589 24.86 -7.99 0.33
N GLY B 590 24.34 -8.82 1.25
CA GLY B 590 22.90 -9.20 1.20
C GLY B 590 21.85 -8.04 1.23
N MET B 591 22.21 -6.91 1.86
CA MET B 591 21.32 -5.72 2.00
C MET B 591 21.58 -4.67 0.94
N GLN B 592 22.58 -4.92 0.08
CA GLN B 592 23.11 -3.91 -0.83
C GLN B 592 22.46 -4.04 -2.17
N GLU B 593 22.49 -2.94 -2.93
CA GLU B 593 21.98 -2.90 -4.28
C GLU B 593 22.95 -3.75 -5.11
N LEU B 594 22.43 -4.50 -6.07
CA LEU B 594 23.25 -5.05 -7.17
C LEU B 594 23.33 -3.92 -8.19
N VAL B 595 24.44 -3.21 -8.22
CA VAL B 595 24.50 -1.98 -9.04
C VAL B 595 24.60 -2.25 -10.54
N ARG B 596 25.36 -3.28 -10.94
CA ARG B 596 25.64 -3.52 -12.37
C ARG B 596 25.77 -5.00 -12.58
N HIS B 597 25.36 -5.45 -13.74
CA HIS B 597 25.65 -6.80 -14.22
C HIS B 597 26.01 -6.67 -15.67
N ASP B 598 27.10 -7.33 -16.04
CA ASP B 598 27.60 -7.25 -17.40
C ASP B 598 27.98 -8.61 -17.97
N LEU B 599 27.97 -8.64 -19.28
CA LEU B 599 28.54 -9.75 -20.04
C LEU B 599 29.91 -9.23 -20.42
N VAL B 600 30.94 -9.79 -19.80
CA VAL B 600 32.33 -9.35 -20.00
C VAL B 600 32.79 -9.57 -21.45
N GLY B 601 33.23 -8.48 -22.07
CA GLY B 601 33.65 -8.49 -23.44
C GLY B 601 32.48 -8.75 -24.37
N GLY B 602 31.27 -8.91 -23.83
CA GLY B 602 30.13 -9.37 -24.63
C GLY B 602 29.97 -10.88 -24.65
N ASP B 603 30.77 -11.60 -23.86
CA ASP B 603 30.63 -13.04 -23.79
C ASP B 603 29.48 -13.41 -22.86
N PRO B 604 28.47 -14.15 -23.37
CA PRO B 604 27.41 -14.57 -22.47
C PRO B 604 27.88 -15.56 -21.40
N LEU B 605 29.08 -16.12 -21.53
CA LEU B 605 29.54 -17.19 -20.65
C LEU B 605 30.60 -16.70 -19.69
N VAL B 606 30.80 -15.39 -19.72
CA VAL B 606 31.53 -14.68 -18.67
C VAL B 606 30.69 -13.47 -18.12
N GLN B 607 30.32 -13.55 -16.85
CA GLN B 607 29.44 -12.54 -16.25
C GLN B 607 30.07 -11.87 -15.02
N ARG B 608 29.78 -10.59 -14.81
CA ARG B 608 30.36 -9.82 -13.73
C ARG B 608 29.25 -9.03 -13.02
N SER B 609 29.02 -9.30 -11.73
CA SER B 609 28.02 -8.53 -10.96
C SER B 609 28.77 -7.62 -10.00
N VAL B 610 28.33 -6.36 -9.86
CA VAL B 610 28.94 -5.42 -8.90
C VAL B 610 27.90 -4.85 -7.93
N PHE B 611 28.23 -4.94 -6.64
CA PHE B 611 27.36 -4.53 -5.57
C PHE B 611 27.75 -3.13 -5.12
N ALA B 612 26.91 -2.53 -4.27
CA ALA B 612 27.05 -1.12 -3.91
C ALA B 612 28.38 -0.83 -3.22
N ASP B 613 28.87 -1.71 -2.35
CA ASP B 613 30.17 -1.39 -1.69
C ASP B 613 31.37 -1.59 -2.68
N GLY B 614 31.08 -2.06 -3.91
CA GLY B 614 32.14 -2.13 -4.92
C GLY B 614 32.63 -3.53 -5.17
N THR B 615 32.29 -4.45 -4.24
CA THR B 615 32.54 -5.90 -4.35
C THR B 615 32.06 -6.39 -5.70
N ALA B 616 32.96 -7.10 -6.42
CA ALA B 616 32.71 -7.59 -7.75
C ALA B 616 32.83 -9.09 -7.78
N VAL B 617 31.89 -9.73 -8.47
CA VAL B 617 31.85 -11.17 -8.62
C VAL B 617 31.95 -11.53 -10.10
N THR B 618 32.96 -12.33 -10.46
CA THR B 618 33.12 -12.79 -11.86
C THR B 618 33.04 -14.25 -11.94
N CYS B 619 32.20 -14.69 -12.88
CA CYS B 619 31.87 -16.08 -13.05
C CYS B 619 32.10 -16.42 -14.51
N ASP B 620 32.89 -17.48 -14.73
CA ASP B 620 33.35 -17.86 -16.06
C ASP B 620 32.69 -19.19 -16.28
N PHE B 621 31.71 -19.25 -17.17
CA PHE B 621 31.02 -20.51 -17.38
C PHE B 621 31.76 -21.47 -18.33
N HIS B 622 32.79 -20.97 -19.05
CA HIS B 622 33.71 -21.90 -19.84
C HIS B 622 34.51 -22.75 -18.86
N ALA B 623 35.25 -22.07 -17.97
CA ALA B 623 36.08 -22.68 -16.96
C ALA B 623 35.28 -23.28 -15.80
N GLN B 624 34.02 -22.82 -15.65
CA GLN B 624 33.24 -23.07 -14.42
C GLN B 624 34.01 -22.61 -13.15
N THR B 625 34.59 -21.41 -13.22
CA THR B 625 35.31 -20.84 -12.07
C THR B 625 34.66 -19.54 -11.64
N TYR B 626 34.96 -19.11 -10.42
CA TYR B 626 34.49 -17.81 -9.96
C TYR B 626 35.61 -17.00 -9.35
N GLU B 627 35.28 -15.76 -9.03
CA GLU B 627 36.19 -14.88 -8.37
C GLU B 627 35.39 -13.81 -7.63
N VAL B 628 35.62 -13.71 -6.33
CA VAL B 628 34.95 -12.70 -5.53
C VAL B 628 36.00 -11.68 -5.11
N ALA B 629 35.89 -10.50 -5.66
CA ALA B 629 36.93 -9.49 -5.57
C ALA B 629 36.45 -8.34 -4.73
N ALA B 630 36.71 -8.41 -3.41
CA ALA B 630 36.56 -7.20 -2.58
C ALA B 630 37.29 -6.08 -3.40
N ASN B 631 36.53 -5.18 -4.03
CA ASN B 631 37.05 -4.26 -5.05
C ASN B 631 37.00 -2.87 -4.46
ZN ZN C . -11.56 11.52 -12.87
C1 GOL D . -7.27 25.92 -0.03
O1 GOL D . -8.32 25.06 -0.45
C2 GOL D . -7.49 26.19 1.44
O2 GOL D . -6.53 25.45 2.19
C3 GOL D . -7.26 27.66 1.77
O3 GOL D . -5.97 28.05 1.26
ZN ZN E . -14.56 -14.76 -2.51
C1 GOL F . 3.10 -28.42 -4.14
O1 GOL F . 3.33 -28.47 -2.70
C2 GOL F . 2.33 -27.18 -4.55
O2 GOL F . 3.13 -25.98 -4.33
C3 GOL F . 1.06 -27.09 -3.70
O3 GOL F . 0.20 -26.07 -4.23
#